data_9EZ4
#
_entry.id   9EZ4
#
_cell.length_a   67.754
_cell.length_b   99.036
_cell.length_c   101.986
_cell.angle_alpha   90.000
_cell.angle_beta   90.000
_cell.angle_gamma   90.000
#
_symmetry.space_group_name_H-M   'P 21 21 21'
#
loop_
_entity.id
_entity.type
_entity.pdbx_description
1 polymer 'Replicase polyprotein 1a'
2 polymer 'Non-structural protein 7'
3 polymer GLY-VAL-THR-PHE-GLN-SER-ALA-VAL
4 non-polymer 1,2-ETHANEDIOL
5 non-polymer DI(HYDROXYETHYL)ETHER
6 non-polymer GLUTAMINE
7 water water
#
loop_
_entity_poly.entity_id
_entity_poly.type
_entity_poly.pdbx_seq_one_letter_code
_entity_poly.pdbx_strand_id
1 'polypeptide(L)'
;SGFRKMAFPSGKVEGCMVQVTCGTTTLNGLWLDDVVYCPRAVICTSEDMLNPNYEDLLIRKSNHNFLVQAGNVQLRVIGH
SMQNCVLKLKVDTANPKTPKYKFVRIQPGQTFSVLACYNGSPSGVYQCAMRPNFTIKGSFLNGSAGSVGFNIDYD(OCS)
VSFCYMHHMELPTGVHAGTDLEGNFYGPFVDRQTAQAAGTDTTITVNVLAWLYAAVINGDRWFLNRFTTTLNDFNLVAMK
YNYEPLTQDHVDILGPLSAQTGIAVLDMCASLKELLQNGMNGRTILGSALLEDEFTPFDVVRQCSGVTFQ
;
A
2 'polypeptide(L)'
;SGFRKMAFPSGKVEGCMVQVTCGTTTLNGLWLDDVVYCPRAVICTSEDMLNPNYEDLLIRKSNHNFLVQAGNVQLRVIGH
SMQNCVLKLKVDTANPKTPKYKFVRIQPGQTFSVLACYNGSPSGVYQCAMRPNFTIKGSFLNGSAGSVGFNIDYDCVSFC
YMHHMELPTGVHAGTDLEGNFYGPFVDRQTAQAAGTDTTITVNVLAWLYAAVINGDRWFLNRFTTTLNDFNLVAMKYNYE
PLTQDHVDILGPLSAQTGIAVLDMCASLKELLQNGMNGRTILGSALLEDEFTPFDVVRQCSGVTFQ
;
B
3 'polypeptide(L)' SGVTFQSAVKR C
#
loop_
_chem_comp.id
_chem_comp.type
_chem_comp.name
_chem_comp.formula
EDO non-polymer 1,2-ETHANEDIOL 'C2 H6 O2'
PEG non-polymer DI(HYDROXYETHYL)ETHER 'C4 H10 O3'
#
# COMPACT_ATOMS: atom_id res chain seq x y z
N SER A 1 14.16 -8.71 -7.13
CA SER A 1 13.45 -9.81 -6.52
C SER A 1 12.52 -9.32 -5.40
N GLY A 2 11.60 -10.17 -4.96
CA GLY A 2 10.61 -9.86 -3.97
C GLY A 2 9.27 -9.62 -4.63
N PHE A 3 8.21 -9.64 -3.84
CA PHE A 3 6.90 -9.39 -4.42
C PHE A 3 6.00 -8.83 -3.32
N ARG A 4 5.55 -7.58 -3.51
CA ARG A 4 4.76 -6.89 -2.51
C ARG A 4 3.49 -6.34 -3.14
N LYS A 5 2.48 -6.11 -2.29
CA LYS A 5 1.31 -5.36 -2.72
C LYS A 5 1.79 -3.91 -2.91
N MET A 6 2.05 -3.51 -4.13
CA MET A 6 2.73 -2.26 -4.38
C MET A 6 1.73 -1.27 -4.95
N ALA A 7 1.57 -0.14 -4.28
CA ALA A 7 0.71 0.93 -4.74
C ALA A 7 1.49 1.90 -5.61
N PHE A 8 0.75 2.75 -6.37
CA PHE A 8 1.44 3.82 -7.06
C PHE A 8 1.82 4.93 -6.10
N PRO A 9 2.92 5.66 -6.35
CA PRO A 9 3.22 6.84 -5.52
C PRO A 9 2.03 7.80 -5.57
N SER A 10 1.66 8.35 -4.42
CA SER A 10 0.37 9.03 -4.27
C SER A 10 0.43 10.55 -4.45
N GLY A 11 1.63 11.12 -4.64
CA GLY A 11 1.77 12.57 -4.64
C GLY A 11 0.88 13.27 -5.66
N LYS A 12 0.82 12.73 -6.89
CA LYS A 12 -0.02 13.37 -7.91
C LYS A 12 -1.49 13.45 -7.48
N VAL A 13 -1.96 12.52 -6.67
CA VAL A 13 -3.35 12.57 -6.19
C VAL A 13 -3.48 13.41 -4.95
N GLU A 14 -2.50 13.31 -4.04
CA GLU A 14 -2.50 14.14 -2.85
C GLU A 14 -2.73 15.59 -3.22
N GLY A 15 -2.17 16.03 -4.33
CA GLY A 15 -2.28 17.45 -4.65
C GLY A 15 -3.63 17.85 -5.20
N CYS A 16 -4.52 16.87 -5.33
CA CYS A 16 -5.86 17.13 -5.81
C CYS A 16 -6.90 17.04 -4.70
N MET A 17 -6.51 16.61 -3.48
CA MET A 17 -7.54 16.34 -2.49
C MET A 17 -7.95 17.62 -1.78
N VAL A 18 -9.27 17.78 -1.61
CA VAL A 18 -9.86 18.92 -0.89
C VAL A 18 -10.96 18.40 0.03
N GLN A 19 -11.40 19.31 0.90
CA GLN A 19 -12.50 19.01 1.83
C GLN A 19 -13.74 19.73 1.31
N VAL A 20 -14.86 19.05 1.27
CA VAL A 20 -16.12 19.64 0.86
C VAL A 20 -17.11 19.51 1.99
N THR A 21 -17.74 20.63 2.33
CA THR A 21 -18.75 20.67 3.37
C THR A 21 -20.05 21.31 2.87
N CYS A 22 -21.17 20.69 3.22
N CYS A 22 -21.16 20.63 3.20
CA CYS A 22 -22.49 21.24 2.92
CA CYS A 22 -22.51 21.10 2.99
C CYS A 22 -23.34 21.01 4.16
C CYS A 22 -23.21 20.99 4.33
N GLY A 23 -23.76 22.10 4.80
CA GLY A 23 -24.45 22.03 6.07
C GLY A 23 -23.52 21.42 7.11
N THR A 24 -23.95 20.35 7.75
CA THR A 24 -23.13 19.65 8.75
C THR A 24 -22.42 18.43 8.21
N THR A 25 -22.51 18.20 6.90
CA THR A 25 -21.94 16.99 6.26
C THR A 25 -20.60 17.34 5.61
N THR A 26 -19.58 16.54 5.88
CA THR A 26 -18.23 16.78 5.30
C THR A 26 -17.66 15.51 4.68
N LEU A 27 -17.02 15.66 3.52
CA LEU A 27 -16.30 14.54 2.91
C LEU A 27 -15.15 15.10 2.07
N ASN A 28 -14.54 14.26 1.24
CA ASN A 28 -13.43 14.67 0.41
C ASN A 28 -13.89 14.95 -1.01
N GLY A 29 -13.17 15.88 -1.67
CA GLY A 29 -13.39 16.18 -3.05
C GLY A 29 -12.11 16.04 -3.86
N LEU A 30 -12.26 15.93 -5.18
CA LEU A 30 -11.13 15.76 -6.09
C LEU A 30 -11.09 16.97 -7.01
N TRP A 31 -10.05 17.81 -6.83
CA TRP A 31 -9.95 19.11 -7.49
C TRP A 31 -9.05 18.94 -8.68
N LEU A 32 -9.65 18.94 -9.88
CA LEU A 32 -8.92 18.81 -11.13
C LEU A 32 -9.29 20.00 -11.99
N ASP A 33 -8.29 20.76 -12.45
CA ASP A 33 -8.54 22.00 -13.18
C ASP A 33 -9.49 22.85 -12.32
N ASP A 34 -10.58 23.38 -12.87
CA ASP A 34 -11.48 24.21 -12.09
C ASP A 34 -12.75 23.49 -11.65
N VAL A 35 -12.70 22.18 -11.48
CA VAL A 35 -13.85 21.42 -11.04
C VAL A 35 -13.47 20.60 -9.82
N VAL A 36 -14.37 20.55 -8.83
CA VAL A 36 -14.20 19.69 -7.67
C VAL A 36 -15.24 18.58 -7.79
N TYR A 37 -14.79 17.31 -7.81
CA TYR A 37 -15.69 16.17 -7.95
C TYR A 37 -15.93 15.57 -6.57
N CYS A 38 -17.17 15.26 -6.20
CA CYS A 38 -17.34 14.61 -4.90
C CYS A 38 -18.65 13.87 -4.91
N PRO A 39 -18.87 13.02 -3.92
CA PRO A 39 -20.12 12.23 -3.92
C PRO A 39 -21.28 13.16 -3.68
N ARG A 40 -22.37 12.93 -4.39
CA ARG A 40 -23.51 13.84 -4.24
C ARG A 40 -24.19 13.69 -2.87
N ALA A 41 -23.94 12.62 -2.14
CA ALA A 41 -24.49 12.47 -0.80
C ALA A 41 -24.01 13.55 0.17
N VAL A 42 -23.02 14.36 -0.21
CA VAL A 42 -22.67 15.50 0.65
C VAL A 42 -23.86 16.46 0.80
N ILE A 43 -24.82 16.47 -0.14
CA ILE A 43 -25.96 17.38 0.02
C ILE A 43 -27.10 16.77 0.83
N CYS A 44 -27.02 15.50 1.23
CA CYS A 44 -28.08 14.89 2.02
C CYS A 44 -28.10 15.44 3.44
N THR A 45 -29.28 15.48 4.03
CA THR A 45 -29.38 15.73 5.47
C THR A 45 -29.32 14.39 6.22
N SER A 46 -28.82 14.45 7.46
CA SER A 46 -28.77 13.24 8.29
C SER A 46 -30.13 12.55 8.38
N GLU A 47 -31.22 13.32 8.33
CA GLU A 47 -32.56 12.75 8.41
C GLU A 47 -32.84 11.87 7.20
N ASP A 48 -32.75 12.44 6.00
CA ASP A 48 -33.21 11.76 4.80
C ASP A 48 -32.02 11.18 4.02
N MET A 49 -31.53 10.03 4.48
N MET A 49 -31.52 10.04 4.51
CA MET A 49 -30.54 9.28 3.74
CA MET A 49 -30.52 9.26 3.79
C MET A 49 -31.08 7.95 3.22
C MET A 49 -31.08 7.95 3.24
N LEU A 50 -32.36 7.63 3.49
CA LEU A 50 -32.92 6.39 2.93
C LEU A 50 -33.39 6.59 1.49
N ASN A 51 -34.08 7.70 1.25
CA ASN A 51 -34.69 8.00 -0.04
C ASN A 51 -34.48 9.47 -0.43
N PRO A 52 -33.24 9.94 -0.42
CA PRO A 52 -33.00 11.33 -0.85
C PRO A 52 -33.47 11.56 -2.29
N ASN A 53 -34.07 12.70 -2.54
CA ASN A 53 -34.34 13.12 -3.90
C ASN A 53 -33.25 14.12 -4.22
N TYR A 54 -32.22 13.67 -4.94
CA TYR A 54 -31.06 14.54 -5.08
C TYR A 54 -31.35 15.73 -5.95
N GLU A 55 -32.20 15.56 -6.95
CA GLU A 55 -32.54 16.69 -7.81
C GLU A 55 -33.22 17.77 -6.97
N ASP A 56 -34.16 17.36 -6.11
CA ASP A 56 -34.84 18.31 -5.24
C ASP A 56 -33.88 18.96 -4.25
N LEU A 57 -32.98 18.15 -3.65
CA LEU A 57 -32.03 18.68 -2.69
C LEU A 57 -31.08 19.67 -3.35
N LEU A 58 -30.62 19.34 -4.57
CA LEU A 58 -29.63 20.20 -5.20
C LEU A 58 -30.22 21.54 -5.64
N ILE A 59 -31.49 21.56 -6.03
CA ILE A 59 -32.01 22.81 -6.52
C ILE A 59 -32.21 23.81 -5.38
N ARG A 60 -32.28 23.34 -4.13
CA ARG A 60 -32.42 24.22 -2.98
C ARG A 60 -31.08 24.80 -2.51
N LYS A 61 -29.98 24.43 -3.13
CA LYS A 61 -28.66 24.88 -2.73
C LYS A 61 -28.22 26.07 -3.55
N SER A 62 -27.49 26.96 -2.90
CA SER A 62 -26.74 28.03 -3.53
C SER A 62 -25.29 27.63 -3.65
N ASN A 63 -24.58 28.26 -4.57
CA ASN A 63 -23.14 28.01 -4.63
C ASN A 63 -22.50 28.22 -3.27
N HIS A 64 -22.93 29.24 -2.54
CA HIS A 64 -22.29 29.56 -1.26
C HIS A 64 -22.64 28.59 -0.14
N ASN A 65 -23.58 27.66 -0.35
CA ASN A 65 -23.79 26.57 0.60
C ASN A 65 -22.67 25.54 0.59
N PHE A 66 -21.82 25.52 -0.43
CA PHE A 66 -20.71 24.57 -0.54
C PHE A 66 -19.42 25.22 -0.03
N LEU A 67 -18.88 24.68 1.05
CA LEU A 67 -17.60 25.14 1.63
C LEU A 67 -16.51 24.20 1.12
N VAL A 68 -15.58 24.72 0.31
CA VAL A 68 -14.53 23.88 -0.26
C VAL A 68 -13.21 24.45 0.22
N GLN A 69 -12.43 23.59 0.89
CA GLN A 69 -11.17 24.04 1.51
C GLN A 69 -10.00 23.21 1.00
N ALA A 70 -9.03 23.86 0.37
CA ALA A 70 -7.79 23.22 -0.04
C ALA A 70 -6.72 23.70 0.93
N GLY A 71 -6.28 22.80 1.81
CA GLY A 71 -5.42 23.24 2.90
C GLY A 71 -6.14 24.26 3.75
N ASN A 72 -5.52 25.42 3.93
CA ASN A 72 -6.10 26.52 4.70
C ASN A 72 -6.79 27.55 3.80
N VAL A 73 -6.89 27.27 2.50
CA VAL A 73 -7.45 28.19 1.51
C VAL A 73 -8.88 27.76 1.23
N GLN A 74 -9.82 28.71 1.25
CA GLN A 74 -11.22 28.39 0.87
C GLN A 74 -11.42 28.70 -0.61
N LEU A 75 -11.85 27.73 -1.39
CA LEU A 75 -12.13 27.91 -2.81
C LEU A 75 -13.55 28.43 -3.00
N ARG A 76 -13.73 29.38 -3.92
CA ARG A 76 -15.05 29.95 -4.20
C ARG A 76 -15.80 29.11 -5.24
N VAL A 77 -16.96 28.58 -4.85
CA VAL A 77 -17.77 27.80 -5.79
C VAL A 77 -18.60 28.75 -6.65
N ILE A 78 -18.50 28.60 -7.98
CA ILE A 78 -19.20 29.50 -8.90
C ILE A 78 -20.21 28.77 -9.77
N GLY A 79 -20.42 27.48 -9.55
CA GLY A 79 -21.43 26.74 -10.27
C GLY A 79 -21.45 25.32 -9.77
N HIS A 80 -22.56 24.61 -10.08
CA HIS A 80 -22.64 23.23 -9.62
C HIS A 80 -23.58 22.47 -10.51
N SER A 81 -23.26 21.19 -10.72
CA SER A 81 -24.15 20.29 -11.42
C SER A 81 -23.93 18.87 -10.92
N MET A 82 -24.89 18.03 -11.24
CA MET A 82 -24.84 16.66 -10.79
C MET A 82 -24.74 15.79 -12.03
N GLN A 83 -23.86 14.81 -11.99
CA GLN A 83 -23.71 13.84 -13.04
C GLN A 83 -23.82 12.48 -12.40
N ASN A 84 -24.96 11.80 -12.63
CA ASN A 84 -25.18 10.51 -11.98
C ASN A 84 -25.01 10.72 -10.47
N CYS A 85 -24.12 9.97 -9.81
CA CYS A 85 -23.99 10.07 -8.35
C CYS A 85 -22.84 10.97 -7.92
N VAL A 86 -22.30 11.79 -8.82
CA VAL A 86 -21.20 12.68 -8.47
C VAL A 86 -21.63 14.14 -8.67
N LEU A 87 -21.23 14.98 -7.73
CA LEU A 87 -21.43 16.40 -7.86
C LEU A 87 -20.18 17.05 -8.44
N LYS A 88 -20.40 18.01 -9.33
CA LYS A 88 -19.33 18.76 -9.96
C LYS A 88 -19.46 20.21 -9.53
N LEU A 89 -18.55 20.65 -8.68
CA LEU A 89 -18.54 22.01 -8.19
C LEU A 89 -17.52 22.78 -9.00
N LYS A 90 -18.00 23.76 -9.77
CA LYS A 90 -17.12 24.64 -10.52
C LYS A 90 -16.55 25.66 -9.55
N VAL A 91 -15.24 25.85 -9.59
CA VAL A 91 -14.60 26.81 -8.71
C VAL A 91 -13.87 27.85 -9.56
N ASP A 92 -13.53 28.98 -8.94
CA ASP A 92 -12.94 30.12 -9.70
C ASP A 92 -11.43 29.99 -9.87
N THR A 93 -10.84 28.93 -9.36
CA THR A 93 -9.41 28.68 -9.45
C THR A 93 -9.14 27.30 -10.01
N ALA A 94 -8.33 27.22 -11.06
CA ALA A 94 -7.88 25.91 -11.53
C ALA A 94 -6.78 25.41 -10.60
N ASN A 95 -6.82 24.13 -10.27
CA ASN A 95 -5.83 23.57 -9.35
C ASN A 95 -4.45 23.61 -10.01
N PRO A 96 -3.49 24.37 -9.49
CA PRO A 96 -2.18 24.41 -10.16
C PRO A 96 -1.44 23.08 -10.06
N LYS A 97 -1.88 22.17 -9.20
CA LYS A 97 -1.25 20.87 -9.04
C LYS A 97 -1.94 19.78 -9.86
N THR A 98 -2.87 20.17 -10.72
CA THR A 98 -3.61 19.17 -11.49
C THR A 98 -2.61 18.36 -12.30
N PRO A 99 -2.57 17.05 -12.17
CA PRO A 99 -1.69 16.24 -13.02
C PRO A 99 -2.34 15.97 -14.37
N LYS A 100 -1.56 15.39 -15.27
CA LYS A 100 -2.16 14.79 -16.46
C LYS A 100 -3.04 13.62 -16.02
N TYR A 101 -4.30 13.58 -16.49
CA TYR A 101 -5.19 12.56 -15.95
C TYR A 101 -6.26 12.16 -16.95
N LYS A 102 -6.90 11.03 -16.67
CA LYS A 102 -8.10 10.66 -17.38
C LYS A 102 -8.99 9.88 -16.44
N PHE A 103 -10.25 9.75 -16.82
CA PHE A 103 -11.21 8.91 -16.10
C PHE A 103 -11.41 7.60 -16.86
N VAL A 104 -11.39 6.48 -16.15
CA VAL A 104 -11.60 5.17 -16.77
C VAL A 104 -12.53 4.36 -15.89
N ARG A 105 -13.46 3.63 -16.50
CA ARG A 105 -14.30 2.70 -15.76
C ARG A 105 -13.65 1.34 -15.91
N ILE A 106 -13.35 0.69 -14.78
CA ILE A 106 -12.62 -0.58 -14.80
C ILE A 106 -13.57 -1.77 -14.73
N GLN A 107 -13.05 -2.92 -15.07
CA GLN A 107 -13.74 -4.20 -15.02
C GLN A 107 -13.40 -4.95 -13.73
N PRO A 108 -14.28 -5.81 -13.24
CA PRO A 108 -13.91 -6.64 -12.09
C PRO A 108 -12.63 -7.42 -12.36
N GLY A 109 -11.82 -7.54 -11.33
CA GLY A 109 -10.47 -8.11 -11.43
C GLY A 109 -9.38 -7.09 -11.56
N GLN A 110 -9.69 -5.89 -12.01
CA GLN A 110 -8.69 -4.85 -12.17
C GLN A 110 -8.26 -4.35 -10.79
N THR A 111 -6.99 -3.99 -10.66
CA THR A 111 -6.51 -3.43 -9.41
C THR A 111 -6.28 -1.92 -9.56
N PHE A 112 -6.13 -1.27 -8.40
CA PHE A 112 -5.83 0.17 -8.37
C PHE A 112 -5.36 0.52 -6.96
N SER A 113 -4.72 1.69 -6.84
CA SER A 113 -4.30 2.24 -5.56
C SER A 113 -5.42 3.13 -5.01
N VAL A 114 -5.58 3.10 -3.70
CA VAL A 114 -6.53 3.96 -2.99
C VAL A 114 -5.74 4.91 -2.11
N LEU A 115 -6.03 6.21 -2.21
CA LEU A 115 -5.52 7.22 -1.28
C LEU A 115 -6.65 7.55 -0.31
N ALA A 116 -6.65 6.88 0.84
CA ALA A 116 -7.70 7.10 1.81
C ALA A 116 -7.45 8.42 2.53
N CYS A 117 -8.48 9.29 2.54
CA CYS A 117 -8.40 10.65 3.04
C CYS A 117 -9.54 10.95 3.98
N TYR A 118 -9.28 11.90 4.88
CA TYR A 118 -10.27 12.40 5.84
C TYR A 118 -10.08 13.90 5.88
N ASN A 119 -11.19 14.63 5.77
CA ASN A 119 -11.13 16.09 5.85
C ASN A 119 -10.19 16.68 4.81
N GLY A 120 -10.12 16.05 3.64
CA GLY A 120 -9.27 16.53 2.56
C GLY A 120 -7.80 16.20 2.71
N SER A 121 -7.40 15.48 3.76
CA SER A 121 -5.98 15.14 4.00
C SER A 121 -5.75 13.64 3.92
N PRO A 122 -4.65 13.21 3.32
CA PRO A 122 -4.41 11.78 3.14
C PRO A 122 -4.05 11.06 4.41
N SER A 123 -4.59 9.86 4.57
CA SER A 123 -4.21 9.04 5.70
C SER A 123 -3.22 7.95 5.29
N GLY A 124 -3.38 7.38 4.10
CA GLY A 124 -2.53 6.27 3.71
C GLY A 124 -2.86 5.84 2.29
N VAL A 125 -2.01 4.97 1.74
CA VAL A 125 -2.23 4.49 0.39
C VAL A 125 -2.10 2.96 0.41
N TYR A 126 -3.01 2.29 -0.26
CA TYR A 126 -2.96 0.82 -0.34
C TYR A 126 -3.52 0.34 -1.67
N GLN A 127 -3.23 -0.92 -1.98
CA GLN A 127 -3.73 -1.53 -3.22
C GLN A 127 -5.07 -2.20 -2.96
N CYS A 128 -5.93 -2.14 -3.96
CA CYS A 128 -7.26 -2.75 -3.88
C CYS A 128 -7.58 -3.35 -5.25
N ALA A 129 -8.61 -4.18 -5.33
CA ALA A 129 -9.09 -4.76 -6.58
C ALA A 129 -10.59 -4.58 -6.67
N MET A 130 -11.09 -4.41 -7.86
CA MET A 130 -12.52 -4.49 -8.07
C MET A 130 -12.94 -5.96 -8.01
N ARG A 131 -13.71 -6.34 -6.99
CA ARG A 131 -14.12 -7.75 -6.84
C ARG A 131 -15.12 -8.13 -7.93
N PRO A 132 -15.26 -9.43 -8.19
CA PRO A 132 -16.27 -9.89 -9.13
C PRO A 132 -17.67 -9.44 -8.77
N ASN A 133 -18.00 -9.26 -7.50
CA ASN A 133 -19.33 -8.80 -7.12
C ASN A 133 -19.43 -7.27 -7.07
N PHE A 134 -18.45 -6.57 -7.67
CA PHE A 134 -18.38 -5.12 -7.81
C PHE A 134 -18.26 -4.39 -6.48
N THR A 135 -17.78 -5.05 -5.42
CA THR A 135 -17.40 -4.33 -4.23
C THR A 135 -15.90 -4.18 -4.23
N ILE A 136 -15.39 -3.37 -3.32
CA ILE A 136 -13.96 -3.39 -3.10
C ILE A 136 -13.74 -3.62 -1.62
N LYS A 137 -12.66 -4.34 -1.32
CA LYS A 137 -12.29 -4.68 0.06
C LYS A 137 -11.32 -3.60 0.52
N GLY A 138 -11.89 -2.46 0.90
CA GLY A 138 -11.08 -1.31 1.26
C GLY A 138 -10.83 -1.23 2.75
N SER A 139 -10.24 -0.09 3.14
CA SER A 139 -10.04 0.21 4.56
C SER A 139 -10.49 1.66 4.70
N PHE A 140 -11.73 1.86 5.18
CA PHE A 140 -12.40 3.15 5.13
C PHE A 140 -13.25 3.33 6.37
N LEU A 141 -13.24 4.55 6.88
CA LEU A 141 -13.98 4.97 8.04
C LEU A 141 -14.94 6.08 7.65
N ASN A 142 -15.79 6.46 8.59
CA ASN A 142 -16.64 7.63 8.37
C ASN A 142 -15.79 8.84 7.99
N GLY A 143 -16.21 9.54 6.96
CA GLY A 143 -15.51 10.69 6.45
C GLY A 143 -14.60 10.39 5.29
N SER A 144 -14.45 9.12 4.91
CA SER A 144 -13.55 8.73 3.82
C SER A 144 -14.23 8.86 2.47
N ALA A 145 -15.54 9.10 2.45
CA ALA A 145 -16.20 9.22 1.14
C ALA A 145 -15.53 10.31 0.33
N GLY A 146 -15.40 10.08 -0.98
CA GLY A 146 -14.71 11.00 -1.85
C GLY A 146 -13.24 10.67 -2.04
N SER A 147 -12.70 9.78 -1.22
CA SER A 147 -11.36 9.22 -1.52
C SER A 147 -11.41 8.54 -2.88
N VAL A 148 -10.27 8.49 -3.60
CA VAL A 148 -10.30 7.93 -4.95
C VAL A 148 -9.32 6.78 -5.09
N GLY A 149 -9.62 5.93 -6.09
CA GLY A 149 -8.72 4.89 -6.54
C GLY A 149 -8.18 5.26 -7.91
N PHE A 150 -6.96 4.83 -8.19
CA PHE A 150 -6.29 5.31 -9.39
C PHE A 150 -5.13 4.39 -9.74
N ASN A 151 -4.72 4.46 -11.02
CA ASN A 151 -3.45 3.89 -11.44
C ASN A 151 -2.62 5.00 -12.06
N ILE A 152 -1.30 4.83 -12.07
CA ILE A 152 -0.48 5.81 -12.75
C ILE A 152 0.52 5.05 -13.59
N ASP A 153 0.06 4.46 -14.65
CA ASP A 153 0.93 3.81 -15.60
C ASP A 153 1.45 4.94 -16.46
N TYR A 154 2.77 5.04 -16.51
CA TYR A 154 3.47 6.05 -17.28
C TYR A 154 3.32 7.45 -16.66
N ASP A 155 2.78 8.43 -17.35
CA ASP A 155 2.81 9.78 -16.74
C ASP A 155 1.42 10.27 -16.35
N OCS A 156 0.47 9.38 -16.65
CA OCS A 156 -0.94 9.78 -16.59
CB OCS A 156 -1.54 9.33 -17.92
SG OCS A 156 -3.23 9.50 -18.34
C OCS A 156 -1.66 9.12 -15.43
O OCS A 156 -1.60 7.90 -15.30
OD1 OCS A 156 -3.34 9.08 -19.71
OD2 OCS A 156 -3.44 11.00 -18.27
OD3 OCS A 156 -3.98 8.82 -17.32
HA OCS A 156 -1.02 10.75 -16.52
HB2 OCS A 156 -1.35 8.38 -18.01
HB3 OCS A 156 -1.05 9.80 -18.62
HD2 OCS A 156 -4.33 11.18 -18.62
N VAL A 157 -2.37 9.94 -14.68
CA VAL A 157 -3.16 9.42 -13.56
C VAL A 157 -4.53 9.00 -14.11
N SER A 158 -4.86 7.70 -14.00
CA SER A 158 -6.16 7.21 -14.44
C SER A 158 -7.02 7.01 -13.19
N PHE A 159 -8.02 7.90 -13.01
CA PHE A 159 -8.92 7.76 -11.87
C PHE A 159 -10.00 6.77 -12.22
N CYS A 160 -10.21 5.76 -11.35
CA CYS A 160 -11.19 4.73 -11.66
C CYS A 160 -12.20 4.50 -10.57
N TYR A 161 -12.05 5.11 -9.40
CA TYR A 161 -12.96 4.83 -8.29
C TYR A 161 -13.10 6.07 -7.42
N MET A 162 -14.34 6.35 -6.98
CA MET A 162 -14.56 7.32 -5.93
C MET A 162 -15.40 6.65 -4.87
N HIS A 163 -14.94 6.73 -3.63
CA HIS A 163 -15.55 5.99 -2.55
C HIS A 163 -16.85 6.68 -2.07
N HIS A 164 -17.90 5.86 -1.83
CA HIS A 164 -19.13 6.39 -1.26
C HIS A 164 -19.54 5.70 0.03
N MET A 165 -19.66 4.38 -0.01
CA MET A 165 -20.29 3.74 1.16
C MET A 165 -19.72 2.40 1.60
N GLU A 166 -20.14 2.01 2.81
CA GLU A 166 -19.72 0.72 3.34
C GLU A 166 -20.96 -0.17 3.46
N LEU A 167 -20.88 -1.39 2.97
CA LEU A 167 -21.99 -2.33 3.03
C LEU A 167 -21.93 -3.09 4.34
N PRO A 168 -22.99 -3.82 4.67
CA PRO A 168 -23.05 -4.45 6.01
C PRO A 168 -21.99 -5.51 6.23
N THR A 169 -21.43 -6.14 5.18
CA THR A 169 -20.34 -7.08 5.40
C THR A 169 -19.01 -6.40 5.62
N GLY A 170 -18.97 -5.07 5.59
CA GLY A 170 -17.72 -4.37 5.81
C GLY A 170 -16.90 -4.13 4.56
N VAL A 171 -17.42 -4.46 3.37
CA VAL A 171 -16.77 -4.11 2.11
C VAL A 171 -17.41 -2.84 1.58
N HIS A 172 -16.90 -2.34 0.46
CA HIS A 172 -17.17 -0.96 0.05
C HIS A 172 -17.73 -0.89 -1.35
N ALA A 173 -18.50 0.19 -1.59
CA ALA A 173 -19.10 0.42 -2.90
C ALA A 173 -18.88 1.88 -3.29
N GLY A 174 -18.68 2.12 -4.59
CA GLY A 174 -18.51 3.50 -5.01
C GLY A 174 -18.68 3.57 -6.50
N THR A 175 -18.23 4.66 -7.10
CA THR A 175 -18.55 4.96 -8.48
C THR A 175 -17.27 5.11 -9.29
N ASP A 176 -17.44 5.14 -10.61
CA ASP A 176 -16.40 5.75 -11.42
C ASP A 176 -16.48 7.29 -11.28
N LEU A 177 -15.61 7.98 -11.99
CA LEU A 177 -15.53 9.42 -11.83
C LEU A 177 -16.57 10.13 -12.68
N GLU A 178 -17.37 9.39 -13.43
CA GLU A 178 -18.58 9.94 -14.03
C GLU A 178 -19.80 9.70 -13.16
N GLY A 179 -19.60 9.16 -11.97
CA GLY A 179 -20.69 9.02 -11.04
C GLY A 179 -21.54 7.76 -11.18
N ASN A 180 -21.14 6.84 -12.04
CA ASN A 180 -21.88 5.57 -12.17
C ASN A 180 -21.37 4.53 -11.16
N PHE A 181 -22.26 4.00 -10.31
CA PHE A 181 -21.81 2.98 -9.37
C PHE A 181 -21.25 1.79 -10.12
N TYR A 182 -20.24 1.17 -9.51
CA TYR A 182 -19.90 -0.19 -9.82
C TYR A 182 -20.92 -1.12 -9.15
N GLY A 183 -21.47 -2.06 -9.90
CA GLY A 183 -22.38 -3.00 -9.29
C GLY A 183 -23.77 -2.40 -9.17
N PRO A 184 -24.64 -3.15 -8.55
CA PRO A 184 -26.06 -2.72 -8.48
C PRO A 184 -26.36 -1.81 -7.29
N PHE A 185 -25.42 -1.02 -6.86
CA PHE A 185 -25.59 -0.31 -5.59
C PHE A 185 -26.09 1.08 -5.88
N VAL A 186 -26.75 1.68 -4.87
CA VAL A 186 -27.29 3.04 -4.98
C VAL A 186 -26.83 3.83 -3.77
N ASP A 187 -26.77 5.17 -3.94
CA ASP A 187 -26.37 6.11 -2.86
C ASP A 187 -27.56 6.40 -1.95
N ARG A 188 -28.02 5.37 -1.26
CA ARG A 188 -29.10 5.42 -0.31
C ARG A 188 -28.69 4.47 0.82
N GLN A 189 -29.13 4.73 2.04
CA GLN A 189 -28.83 3.82 3.13
C GLN A 189 -29.87 2.72 3.28
N THR A 190 -30.64 2.48 2.23
CA THR A 190 -31.57 1.36 2.24
C THR A 190 -30.73 0.08 2.25
N ALA A 191 -31.39 -1.00 2.61
CA ALA A 191 -30.71 -2.28 2.73
C ALA A 191 -30.22 -2.73 1.38
N GLN A 192 -28.92 -3.02 1.31
CA GLN A 192 -28.27 -3.50 0.11
C GLN A 192 -27.27 -4.54 0.58
N ALA A 193 -27.08 -5.58 -0.23
CA ALA A 193 -26.09 -6.60 0.14
C ALA A 193 -25.26 -6.92 -1.08
N ALA A 194 -23.98 -7.14 -0.85
CA ALA A 194 -23.11 -7.63 -1.91
C ALA A 194 -23.47 -9.08 -2.27
N GLY A 195 -23.49 -9.41 -3.57
CA GLY A 195 -23.63 -10.80 -3.95
C GLY A 195 -22.45 -11.64 -3.46
N THR A 196 -22.56 -12.97 -3.62
CA THR A 196 -21.47 -13.83 -3.20
C THR A 196 -20.23 -13.47 -3.96
N ASP A 197 -19.12 -13.35 -3.24
CA ASP A 197 -17.90 -13.01 -3.95
C ASP A 197 -17.20 -14.29 -4.41
N THR A 198 -16.40 -14.12 -5.46
CA THR A 198 -15.67 -15.23 -6.04
C THR A 198 -14.22 -14.82 -6.17
N THR A 199 -13.36 -15.81 -6.43
CA THR A 199 -11.94 -15.54 -6.57
C THR A 199 -11.56 -15.22 -8.02
N ILE A 200 -10.67 -14.25 -8.19
CA ILE A 200 -10.31 -13.76 -9.53
C ILE A 200 -9.25 -14.70 -10.09
N THR A 201 -9.71 -15.69 -10.87
CA THR A 201 -8.84 -16.78 -11.29
C THR A 201 -7.66 -16.30 -12.11
N VAL A 202 -7.88 -15.42 -13.09
CA VAL A 202 -6.73 -15.03 -13.92
C VAL A 202 -5.65 -14.36 -13.07
N ASN A 203 -6.03 -13.68 -12.00
CA ASN A 203 -5.06 -13.02 -11.10
C ASN A 203 -4.29 -14.07 -10.28
N VAL A 204 -4.97 -15.08 -9.75
CA VAL A 204 -4.28 -16.17 -9.07
C VAL A 204 -3.22 -16.77 -10.00
N LEU A 205 -3.59 -17.08 -11.24
CA LEU A 205 -2.59 -17.64 -12.16
C LEU A 205 -1.43 -16.67 -12.40
N ALA A 206 -1.72 -15.38 -12.59
CA ALA A 206 -0.65 -14.41 -12.74
C ALA A 206 0.31 -14.44 -11.54
N TRP A 207 -0.26 -14.54 -10.36
CA TRP A 207 0.55 -14.58 -9.16
C TRP A 207 1.37 -15.88 -9.06
N LEU A 208 0.83 -17.01 -9.54
CA LEU A 208 1.67 -18.20 -9.54
C LEU A 208 2.84 -18.00 -10.49
N TYR A 209 2.60 -17.31 -11.61
CA TYR A 209 3.70 -16.99 -12.53
C TYR A 209 4.75 -16.09 -11.86
N ALA A 210 4.30 -15.09 -11.09
CA ALA A 210 5.22 -14.27 -10.29
C ALA A 210 6.03 -15.14 -9.35
N ALA A 211 5.39 -16.18 -8.76
CA ALA A 211 6.14 -17.07 -7.89
C ALA A 211 7.24 -17.82 -8.65
N VAL A 212 6.92 -18.34 -9.83
CA VAL A 212 7.93 -19.03 -10.62
C VAL A 212 9.03 -18.06 -11.03
N ILE A 213 8.65 -16.84 -11.41
CA ILE A 213 9.67 -15.85 -11.79
C ILE A 213 10.61 -15.56 -10.64
N ASN A 214 10.10 -15.51 -9.41
CA ASN A 214 10.93 -15.33 -8.24
C ASN A 214 11.59 -16.64 -7.77
N GLY A 215 11.56 -17.71 -8.58
CA GLY A 215 12.34 -18.90 -8.28
C GLY A 215 11.68 -20.00 -7.49
N ASP A 216 10.36 -19.99 -7.37
CA ASP A 216 9.62 -21.03 -6.66
C ASP A 216 8.88 -21.94 -7.65
N ARG A 217 9.12 -23.24 -7.58
CA ARG A 217 8.47 -24.19 -8.49
C ARG A 217 7.82 -25.34 -7.74
N TRP A 218 7.76 -25.31 -6.40
CA TRP A 218 7.36 -26.52 -5.66
C TRP A 218 5.92 -26.96 -6.01
N PHE A 219 5.09 -26.05 -6.46
CA PHE A 219 3.67 -26.33 -6.70
C PHE A 219 3.36 -26.74 -8.13
N LEU A 220 4.33 -26.68 -9.02
CA LEU A 220 4.12 -27.16 -10.38
C LEU A 220 3.90 -28.66 -10.40
N ASN A 221 3.20 -29.15 -11.42
CA ASN A 221 3.09 -30.59 -11.60
C ASN A 221 3.22 -30.91 -13.08
N ARG A 222 3.22 -32.20 -13.36
CA ARG A 222 3.49 -32.68 -14.70
C ARG A 222 2.27 -32.61 -15.60
N PHE A 223 1.14 -32.17 -15.07
CA PHE A 223 -0.13 -32.35 -15.77
C PHE A 223 -0.52 -31.08 -16.51
N THR A 224 -1.37 -31.28 -17.49
CA THR A 224 -2.05 -30.18 -18.10
C THR A 224 -3.54 -30.45 -18.02
N THR A 225 -4.33 -29.50 -18.47
CA THR A 225 -5.76 -29.65 -18.38
C THR A 225 -6.37 -29.01 -19.61
N THR A 226 -7.65 -29.22 -19.80
CA THR A 226 -8.33 -28.43 -20.81
C THR A 226 -8.96 -27.23 -20.13
N LEU A 227 -9.24 -26.20 -20.93
CA LEU A 227 -9.91 -25.03 -20.37
C LEU A 227 -11.24 -25.39 -19.73
N ASN A 228 -12.03 -26.23 -20.39
CA ASN A 228 -13.35 -26.50 -19.81
C ASN A 228 -13.27 -27.33 -18.54
N ASP A 229 -12.36 -28.32 -18.50
CA ASP A 229 -12.21 -29.10 -17.27
C ASP A 229 -11.72 -28.24 -16.13
N PHE A 230 -10.77 -27.34 -16.40
CA PHE A 230 -10.35 -26.44 -15.33
C PHE A 230 -11.53 -25.62 -14.80
N ASN A 231 -12.34 -25.06 -15.70
CA ASN A 231 -13.48 -24.27 -15.25
C ASN A 231 -14.48 -25.09 -14.44
N LEU A 232 -14.67 -26.37 -14.78
CA LEU A 232 -15.54 -27.21 -13.96
C LEU A 232 -15.01 -27.37 -12.55
N VAL A 233 -13.68 -27.55 -12.42
CA VAL A 233 -13.11 -27.63 -11.08
C VAL A 233 -13.15 -26.29 -10.39
N ALA A 234 -12.79 -25.22 -11.11
CA ALA A 234 -12.63 -23.93 -10.44
C ALA A 234 -13.94 -23.46 -9.84
N MET A 235 -15.04 -23.61 -10.58
CA MET A 235 -16.36 -23.25 -10.07
C MET A 235 -16.66 -23.90 -8.73
N LYS A 236 -16.18 -25.12 -8.49
CA LYS A 236 -16.50 -25.80 -7.26
C LYS A 236 -15.82 -25.16 -6.07
N TYR A 237 -14.82 -24.33 -6.30
CA TYR A 237 -14.17 -23.57 -5.25
C TYR A 237 -14.57 -22.10 -5.27
N ASN A 238 -15.66 -21.75 -5.97
CA ASN A 238 -16.13 -20.36 -6.12
C ASN A 238 -15.08 -19.47 -6.76
N TYR A 239 -14.40 -20.03 -7.76
CA TYR A 239 -13.46 -19.28 -8.60
C TYR A 239 -14.21 -18.80 -9.83
N GLU A 240 -13.85 -17.60 -10.30
CA GLU A 240 -14.39 -17.06 -11.54
C GLU A 240 -14.00 -17.94 -12.74
N PRO A 241 -14.84 -18.01 -13.77
CA PRO A 241 -14.45 -18.75 -14.96
C PRO A 241 -13.28 -18.08 -15.63
N LEU A 242 -12.40 -18.92 -16.18
CA LEU A 242 -11.26 -18.49 -16.97
C LEU A 242 -11.67 -18.56 -18.43
N THR A 243 -11.53 -17.45 -19.14
CA THR A 243 -11.93 -17.32 -20.53
C THR A 243 -10.72 -17.44 -21.43
N GLN A 244 -10.96 -17.60 -22.72
CA GLN A 244 -9.83 -17.59 -23.63
C GLN A 244 -9.14 -16.23 -23.65
N ASP A 245 -9.88 -15.14 -23.41
CA ASP A 245 -9.23 -13.83 -23.26
C ASP A 245 -8.17 -13.87 -22.16
N HIS A 246 -8.52 -14.45 -21.02
CA HIS A 246 -7.59 -14.53 -19.87
C HIS A 246 -6.38 -15.38 -20.29
N VAL A 247 -6.66 -16.49 -20.96
CA VAL A 247 -5.56 -17.31 -21.43
C VAL A 247 -4.62 -16.50 -22.30
N ASP A 248 -5.18 -15.74 -23.25
CA ASP A 248 -4.36 -14.88 -24.11
C ASP A 248 -3.58 -13.88 -23.28
N ILE A 249 -4.22 -13.29 -22.26
CA ILE A 249 -3.58 -12.26 -21.48
C ILE A 249 -2.38 -12.83 -20.74
N LEU A 250 -2.44 -14.10 -20.36
CA LEU A 250 -1.32 -14.76 -19.68
C LEU A 250 -0.21 -15.18 -20.66
N GLY A 251 -0.36 -14.99 -21.97
CA GLY A 251 0.64 -15.44 -22.93
C GLY A 251 2.07 -14.99 -22.61
N PRO A 252 2.24 -13.69 -22.39
CA PRO A 252 3.57 -13.17 -22.00
C PRO A 252 4.23 -13.86 -20.79
N LEU A 253 3.52 -13.94 -19.65
CA LEU A 253 4.07 -14.63 -18.48
C LEU A 253 4.34 -16.09 -18.78
N SER A 254 3.46 -16.71 -19.57
CA SER A 254 3.70 -18.08 -20.04
C SER A 254 5.01 -18.19 -20.84
N ALA A 255 5.31 -17.21 -21.69
CA ALA A 255 6.53 -17.29 -22.49
C ALA A 255 7.76 -17.05 -21.63
N GLN A 256 7.67 -16.14 -20.68
CA GLN A 256 8.82 -15.79 -19.87
C GLN A 256 9.24 -16.94 -18.96
N THR A 257 8.30 -17.82 -18.61
CA THR A 257 8.59 -18.89 -17.67
C THR A 257 8.69 -20.23 -18.34
N GLY A 258 8.23 -20.34 -19.58
CA GLY A 258 8.19 -21.61 -20.25
C GLY A 258 7.09 -22.54 -19.80
N ILE A 259 6.17 -22.08 -18.95
CA ILE A 259 5.08 -22.90 -18.45
C ILE A 259 3.80 -22.52 -19.19
N ALA A 260 3.25 -23.44 -19.99
CA ALA A 260 2.02 -23.15 -20.71
C ALA A 260 0.90 -22.80 -19.76
N VAL A 261 -0.05 -21.97 -20.23
CA VAL A 261 -1.14 -21.51 -19.38
C VAL A 261 -1.94 -22.68 -18.81
N LEU A 262 -2.30 -23.65 -19.66
CA LEU A 262 -3.11 -24.75 -19.16
C LEU A 262 -2.30 -25.69 -18.26
N ASP A 263 -0.98 -25.61 -18.34
CA ASP A 263 -0.13 -26.38 -17.40
C ASP A 263 -0.25 -25.72 -16.03
N MET A 264 -0.13 -24.39 -16.00
CA MET A 264 -0.33 -23.68 -14.74
C MET A 264 -1.73 -23.89 -14.18
N CYS A 265 -2.77 -23.96 -15.07
CA CYS A 265 -4.11 -24.28 -14.56
C CYS A 265 -4.15 -25.62 -13.83
N ALA A 266 -3.43 -26.63 -14.35
CA ALA A 266 -3.43 -27.93 -13.66
C ALA A 266 -2.74 -27.84 -12.32
N SER A 267 -1.70 -27.02 -12.20
CA SER A 267 -1.09 -26.79 -10.90
C SER A 267 -2.07 -26.09 -9.94
N LEU A 268 -2.85 -25.13 -10.42
CA LEU A 268 -3.82 -24.47 -9.54
C LEU A 268 -4.89 -25.46 -9.07
N LYS A 269 -5.36 -26.33 -9.96
CA LYS A 269 -6.32 -27.35 -9.56
C LYS A 269 -5.77 -28.16 -8.40
N GLU A 270 -4.51 -28.60 -8.48
CA GLU A 270 -3.93 -29.39 -7.39
C GLU A 270 -3.79 -28.57 -6.10
N LEU A 271 -3.44 -27.27 -6.21
CA LEU A 271 -3.32 -26.44 -5.01
C LEU A 271 -4.66 -26.28 -4.32
N LEU A 272 -5.74 -26.17 -5.10
CA LEU A 272 -7.08 -26.06 -4.51
C LEU A 272 -7.41 -27.32 -3.75
N GLN A 273 -7.02 -28.48 -4.29
CA GLN A 273 -7.36 -29.76 -3.60
C GLN A 273 -6.44 -30.05 -2.43
N ASN A 274 -5.19 -29.62 -2.46
CA ASN A 274 -4.26 -30.05 -1.39
C ASN A 274 -4.00 -28.96 -0.36
N GLY A 275 -4.14 -27.69 -0.75
CA GLY A 275 -3.73 -26.62 0.15
C GLY A 275 -2.22 -26.49 0.06
N MET A 276 -1.59 -25.86 1.03
CA MET A 276 -0.13 -25.61 0.92
C MET A 276 0.64 -26.50 1.90
N ASN A 277 -0.06 -27.23 2.78
CA ASN A 277 0.66 -28.18 3.62
C ASN A 277 1.84 -27.52 4.33
N GLY A 278 1.60 -26.33 4.88
CA GLY A 278 2.58 -25.63 5.66
C GLY A 278 3.62 -24.85 4.88
N ARG A 279 3.59 -24.92 3.55
CA ARG A 279 4.49 -24.10 2.75
C ARG A 279 3.78 -22.78 2.44
N THR A 280 4.52 -21.88 1.84
CA THR A 280 3.96 -20.61 1.39
C THR A 280 4.33 -20.39 -0.06
N ILE A 281 3.61 -19.47 -0.69
CA ILE A 281 3.95 -19.00 -2.03
C ILE A 281 4.08 -17.49 -1.93
N LEU A 282 5.24 -16.97 -2.33
CA LEU A 282 5.49 -15.52 -2.26
C LEU A 282 5.08 -14.97 -0.89
N GLY A 283 5.41 -15.72 0.16
CA GLY A 283 5.16 -15.25 1.50
C GLY A 283 3.73 -15.33 1.97
N SER A 284 2.85 -15.98 1.21
CA SER A 284 1.46 -16.11 1.57
C SER A 284 1.08 -17.58 1.72
N ALA A 285 0.23 -17.89 2.70
CA ALA A 285 -0.28 -19.23 2.89
C ALA A 285 -1.63 -19.42 2.25
N LEU A 286 -2.13 -18.44 1.52
CA LEU A 286 -3.32 -18.66 0.69
C LEU A 286 -3.11 -18.10 -0.71
N LEU A 287 -4.03 -18.42 -1.60
CA LEU A 287 -3.86 -18.09 -3.00
C LEU A 287 -4.30 -16.65 -3.21
N GLU A 288 -3.37 -15.80 -3.60
CA GLU A 288 -3.59 -14.35 -3.73
C GLU A 288 -4.24 -14.00 -5.06
N ASP A 289 -5.30 -13.14 -5.04
CA ASP A 289 -5.98 -12.85 -6.31
C ASP A 289 -6.13 -11.37 -6.60
N GLU A 290 -5.33 -10.50 -5.96
CA GLU A 290 -5.41 -9.08 -6.26
C GLU A 290 -4.12 -8.56 -6.92
N PHE A 291 -3.42 -9.43 -7.67
CA PHE A 291 -2.39 -9.00 -8.61
C PHE A 291 -2.81 -9.42 -10.02
N THR A 292 -2.92 -8.45 -10.95
CA THR A 292 -3.24 -8.77 -12.33
C THR A 292 -2.00 -9.21 -13.11
N PRO A 293 -2.21 -9.83 -14.26
CA PRO A 293 -1.08 -10.13 -15.16
C PRO A 293 -0.24 -8.88 -15.43
N PHE A 294 -0.89 -7.74 -15.60
CA PHE A 294 -0.14 -6.51 -15.81
C PHE A 294 0.65 -6.12 -14.56
N ASP A 295 0.05 -6.29 -13.39
CA ASP A 295 0.75 -5.94 -12.16
C ASP A 295 2.03 -6.75 -12.02
N VAL A 296 1.96 -8.04 -12.36
CA VAL A 296 3.12 -8.91 -12.19
C VAL A 296 4.23 -8.46 -13.09
N VAL A 297 3.92 -8.12 -14.32
CA VAL A 297 4.93 -7.66 -15.27
C VAL A 297 5.51 -6.32 -14.80
N ARG A 298 4.65 -5.44 -14.27
CA ARG A 298 5.13 -4.15 -13.76
C ARG A 298 6.14 -4.35 -12.64
N GLN A 299 5.88 -5.27 -11.75
CA GLN A 299 6.74 -5.47 -10.59
C GLN A 299 7.96 -6.38 -10.85
N CYS A 300 7.80 -7.45 -11.63
CA CYS A 300 8.85 -8.44 -11.80
C CYS A 300 9.82 -8.08 -12.92
N SER A 301 10.97 -8.78 -12.92
CA SER A 301 11.97 -8.66 -13.98
C SER A 301 11.50 -9.32 -15.27
N SER B 1 -14.42 0.14 8.27
CA SER B 1 -14.01 -1.27 8.33
C SER B 1 -12.98 -1.56 7.29
N GLY B 2 -12.34 -2.69 7.48
CA GLY B 2 -11.31 -3.14 6.58
C GLY B 2 -9.93 -2.96 7.20
N PHE B 3 -8.96 -3.69 6.67
CA PHE B 3 -7.60 -3.56 7.17
C PHE B 3 -6.65 -3.98 6.06
N ARG B 4 -5.81 -3.05 5.61
CA ARG B 4 -4.93 -3.27 4.48
C ARG B 4 -3.50 -2.93 4.91
N LYS B 5 -2.54 -3.45 4.14
CA LYS B 5 -1.12 -3.04 4.32
C LYS B 5 -1.10 -1.62 3.77
N MET B 6 -0.99 -0.63 4.64
CA MET B 6 -1.18 0.75 4.24
C MET B 6 0.13 1.53 4.35
N ALA B 7 0.56 2.15 3.27
CA ALA B 7 1.75 2.98 3.32
C ALA B 7 1.37 4.42 3.64
N PHE B 8 2.37 5.19 4.07
CA PHE B 8 2.16 6.61 4.21
C PHE B 8 2.01 7.22 2.83
N PRO B 9 1.27 8.32 2.72
CA PRO B 9 1.25 9.08 1.46
C PRO B 9 2.66 9.52 1.12
N SER B 10 3.05 9.35 -0.15
CA SER B 10 4.45 9.44 -0.54
C SER B 10 4.82 10.77 -1.18
N GLY B 11 3.84 11.68 -1.33
CA GLY B 11 4.08 12.92 -2.08
C GLY B 11 5.27 13.72 -1.58
N LYS B 12 5.41 13.88 -0.26
CA LYS B 12 6.55 14.66 0.25
C LYS B 12 7.89 14.07 -0.15
N VAL B 13 7.97 12.75 -0.28
CA VAL B 13 9.25 12.14 -0.67
C VAL B 13 9.47 12.15 -2.17
N GLU B 14 8.40 11.99 -2.95
CA GLU B 14 8.56 12.00 -4.41
C GLU B 14 9.28 13.24 -4.90
N GLY B 15 8.99 14.40 -4.30
CA GLY B 15 9.64 15.62 -4.74
C GLY B 15 11.10 15.72 -4.36
N CYS B 16 11.64 14.71 -3.67
CA CYS B 16 13.04 14.70 -3.31
C CYS B 16 13.87 13.72 -4.12
N MET B 17 13.26 12.92 -4.99
CA MET B 17 14.02 11.87 -5.68
C MET B 17 14.66 12.42 -6.94
N VAL B 18 15.91 12.05 -7.18
CA VAL B 18 16.67 12.50 -8.34
C VAL B 18 17.43 11.31 -8.87
N GLN B 19 18.01 11.47 -10.06
CA GLN B 19 18.86 10.42 -10.65
C GLN B 19 20.33 10.81 -10.47
N VAL B 20 21.15 9.88 -9.99
CA VAL B 20 22.57 10.15 -9.83
C VAL B 20 23.32 9.19 -10.74
N THR B 21 24.21 9.71 -11.57
CA THR B 21 24.99 8.89 -12.48
C THR B 21 26.47 9.18 -12.33
N CYS B 22 27.27 8.13 -12.26
CA CYS B 22 28.72 8.28 -12.25
C CYS B 22 29.31 7.19 -13.15
N GLY B 23 29.88 7.61 -14.26
CA GLY B 23 30.40 6.64 -15.22
C GLY B 23 29.23 5.88 -15.80
N THR B 24 29.25 4.57 -15.70
CA THR B 24 28.16 3.76 -16.22
C THR B 24 27.17 3.33 -15.16
N THR B 25 27.37 3.73 -13.90
CA THR B 25 26.48 3.35 -12.80
C THR B 25 25.44 4.43 -12.64
N THR B 26 24.17 4.03 -12.63
CA THR B 26 23.09 4.97 -12.33
C THR B 26 22.25 4.42 -11.19
N LEU B 27 21.89 5.29 -10.25
CA LEU B 27 20.97 4.89 -9.18
C LEU B 27 20.15 6.10 -8.76
N ASN B 28 19.49 6.00 -7.61
CA ASN B 28 18.67 7.10 -7.14
C ASN B 28 19.35 7.92 -6.06
N GLY B 29 18.99 9.20 -5.98
CA GLY B 29 19.49 10.06 -4.93
C GLY B 29 18.34 10.75 -4.24
N LEU B 30 18.59 11.22 -3.01
CA LEU B 30 17.57 11.89 -2.20
C LEU B 30 18.05 13.33 -2.03
N TRP B 31 17.34 14.26 -2.65
CA TRP B 31 17.75 15.67 -2.72
C TRP B 31 16.99 16.44 -1.63
N LEU B 32 17.70 16.84 -0.59
CA LEU B 32 17.16 17.55 0.56
C LEU B 32 18.00 18.79 0.81
N ASP B 33 17.35 19.95 0.94
CA ASP B 33 18.13 21.19 1.06
C ASP B 33 19.12 21.20 -0.10
N ASP B 34 20.37 21.54 0.09
CA ASP B 34 21.30 21.57 -1.03
C ASP B 34 22.26 20.37 -1.07
N VAL B 35 21.82 19.21 -0.61
CA VAL B 35 22.63 17.98 -0.64
C VAL B 35 21.82 16.85 -1.25
N VAL B 36 22.50 16.01 -2.04
CA VAL B 36 21.90 14.80 -2.59
C VAL B 36 22.60 13.62 -1.92
N TYR B 37 21.83 12.74 -1.27
CA TYR B 37 22.30 11.56 -0.58
C TYR B 37 22.14 10.35 -1.48
N CYS B 38 23.15 9.50 -1.60
CA CYS B 38 23.01 8.26 -2.38
C CYS B 38 24.02 7.23 -1.89
N PRO B 39 23.88 5.96 -2.31
CA PRO B 39 24.82 4.93 -1.87
C PRO B 39 26.21 5.22 -2.42
N ARG B 40 27.24 4.96 -1.61
CA ARG B 40 28.59 5.28 -2.10
C ARG B 40 29.02 4.36 -3.23
N ALA B 41 28.36 3.22 -3.39
CA ALA B 41 28.62 2.32 -4.50
C ALA B 41 28.35 2.96 -5.85
N VAL B 42 27.74 4.14 -5.92
CA VAL B 42 27.60 4.80 -7.22
C VAL B 42 28.96 5.15 -7.83
N ILE B 43 30.00 5.31 -7.02
CA ILE B 43 31.28 5.67 -7.61
C ILE B 43 32.04 4.47 -8.15
N CYS B 44 31.62 3.25 -7.78
CA CYS B 44 32.27 2.00 -8.21
C CYS B 44 32.07 1.73 -9.71
N PRO B 52 36.76 -5.85 -3.39
CA PRO B 52 37.37 -4.86 -2.51
C PRO B 52 37.51 -3.53 -3.23
N ASN B 53 36.53 -2.68 -3.03
CA ASN B 53 36.59 -1.33 -3.65
C ASN B 53 37.16 -0.37 -2.62
N TYR B 54 38.07 0.50 -3.03
CA TYR B 54 38.61 1.53 -2.10
C TYR B 54 37.83 2.78 -2.36
N GLU B 55 36.60 2.83 -1.83
CA GLU B 55 35.77 3.97 -2.18
C GLU B 55 36.48 5.30 -1.92
N ASP B 56 37.21 5.41 -0.81
CA ASP B 56 37.90 6.66 -0.53
C ASP B 56 38.86 7.03 -1.66
N LEU B 57 39.61 6.03 -2.11
CA LEU B 57 40.60 6.27 -3.19
C LEU B 57 39.86 6.55 -4.49
N LEU B 58 38.63 6.07 -4.62
CA LEU B 58 37.93 6.23 -5.91
C LEU B 58 37.32 7.63 -6.04
N ILE B 59 37.12 8.37 -4.92
CA ILE B 59 36.44 9.70 -5.05
C ILE B 59 37.44 10.78 -5.43
N ARG B 60 38.43 10.44 -6.28
CA ARG B 60 39.40 11.44 -6.80
C ARG B 60 38.78 12.04 -8.05
N LYS B 61 37.48 11.82 -8.23
CA LYS B 61 36.76 12.38 -9.39
C LYS B 61 36.44 13.85 -9.11
N SER B 62 36.06 14.56 -10.16
CA SER B 62 35.68 15.95 -9.98
C SER B 62 34.17 16.02 -9.75
N ASN B 63 33.73 17.18 -9.26
CA ASN B 63 32.30 17.40 -9.08
C ASN B 63 31.51 17.09 -10.35
N HIS B 64 32.07 17.41 -11.53
CA HIS B 64 31.35 17.18 -12.78
C HIS B 64 31.25 15.71 -13.17
N ASN B 65 32.01 14.81 -12.51
N ASN B 65 32.00 14.83 -12.49
CA ASN B 65 31.85 13.38 -12.74
CA ASN B 65 31.89 13.39 -12.72
C ASN B 65 30.49 12.85 -12.26
C ASN B 65 30.58 12.81 -12.18
N PHE B 66 29.85 13.55 -11.34
CA PHE B 66 28.56 13.11 -10.83
C PHE B 66 27.47 13.89 -11.56
N LEU B 67 26.67 13.19 -12.36
CA LEU B 67 25.55 13.80 -13.07
C LEU B 67 24.30 13.58 -12.25
N VAL B 68 23.69 14.67 -11.82
CA VAL B 68 22.48 14.63 -10.99
C VAL B 68 21.37 15.26 -11.79
N GLN B 69 20.31 14.51 -12.04
CA GLN B 69 19.19 14.98 -12.83
C GLN B 69 17.93 14.92 -12.01
N ALA B 70 17.29 16.07 -11.84
CA ALA B 70 16.00 16.21 -11.20
C ALA B 70 15.00 16.48 -12.31
N GLY B 71 14.22 15.46 -12.66
CA GLY B 71 13.36 15.58 -13.82
C GLY B 71 14.20 15.86 -15.05
N ASN B 72 13.92 17.00 -15.69
CA ASN B 72 14.65 17.38 -16.93
C ASN B 72 15.74 18.41 -16.62
N VAL B 73 15.98 18.69 -15.34
CA VAL B 73 16.98 19.67 -14.94
C VAL B 73 18.21 18.97 -14.41
N GLN B 74 19.38 19.42 -14.84
CA GLN B 74 20.64 18.91 -14.31
C GLN B 74 21.03 19.79 -13.12
N LEU B 75 21.33 19.15 -11.99
CA LEU B 75 21.80 19.87 -10.81
C LEU B 75 23.31 20.01 -10.86
N ARG B 76 23.80 21.19 -10.49
CA ARG B 76 25.23 21.45 -10.50
C ARG B 76 25.81 20.99 -9.17
N VAL B 77 26.72 20.03 -9.21
CA VAL B 77 27.39 19.51 -8.01
C VAL B 77 28.57 20.42 -7.68
N ILE B 78 28.62 20.91 -6.44
CA ILE B 78 29.70 21.84 -6.08
C ILE B 78 30.56 21.29 -4.95
N GLY B 79 30.33 20.05 -4.54
CA GLY B 79 31.18 19.40 -3.55
C GLY B 79 30.69 17.98 -3.38
N HIS B 80 31.56 17.16 -2.77
CA HIS B 80 31.20 15.79 -2.48
C HIS B 80 32.00 15.29 -1.28
N SER B 81 31.35 14.45 -0.48
CA SER B 81 31.98 13.84 0.67
C SER B 81 31.28 12.54 0.96
N MET B 82 31.94 11.70 1.75
CA MET B 82 31.41 10.39 2.06
C MET B 82 31.19 10.28 3.56
N GLN B 83 30.04 9.71 3.93
CA GLN B 83 29.73 9.42 5.33
C GLN B 83 29.31 7.96 5.45
N ASN B 84 30.16 7.12 6.05
CA ASN B 84 29.88 5.68 6.14
C ASN B 84 29.62 5.23 4.71
N CYS B 85 28.51 4.54 4.42
CA CYS B 85 28.24 4.00 3.10
C CYS B 85 27.41 4.94 2.23
N VAL B 86 27.29 6.21 2.62
CA VAL B 86 26.50 7.15 1.81
C VAL B 86 27.42 8.24 1.29
N LEU B 87 27.17 8.60 0.04
CA LEU B 87 27.80 9.74 -0.59
C LEU B 87 26.88 10.95 -0.42
N LYS B 88 27.46 12.11 -0.14
CA LYS B 88 26.72 13.36 0.02
C LYS B 88 27.20 14.32 -1.06
N LEU B 89 26.36 14.60 -2.06
CA LEU B 89 26.73 15.49 -3.15
C LEU B 89 26.17 16.86 -2.85
N LYS B 90 27.06 17.84 -2.65
CA LYS B 90 26.61 19.20 -2.47
C LYS B 90 26.27 19.80 -3.83
N VAL B 91 25.07 20.41 -3.94
CA VAL B 91 24.62 21.03 -5.18
C VAL B 91 24.37 22.53 -4.94
N ASP B 92 24.24 23.28 -6.04
CA ASP B 92 24.19 24.75 -5.98
C ASP B 92 22.81 25.31 -5.74
N THR B 93 21.77 24.44 -5.66
CA THR B 93 20.38 24.83 -5.51
C THR B 93 19.76 24.03 -4.38
N ALA B 94 19.10 24.69 -3.44
CA ALA B 94 18.36 23.94 -2.43
C ALA B 94 17.07 23.45 -3.04
N ASN B 95 16.68 22.22 -2.71
CA ASN B 95 15.46 21.66 -3.25
C ASN B 95 14.25 22.45 -2.77
N PRO B 96 13.51 23.16 -3.65
CA PRO B 96 12.38 23.95 -3.16
C PRO B 96 11.28 23.10 -2.61
N LYS B 97 11.28 21.80 -2.92
CA LYS B 97 10.28 20.88 -2.41
C LYS B 97 10.72 20.17 -1.13
N THR B 98 11.83 20.59 -0.50
CA THR B 98 12.32 19.88 0.69
C THR B 98 11.22 19.91 1.74
N PRO B 99 10.78 18.77 2.27
CA PRO B 99 9.73 18.77 3.30
C PRO B 99 10.38 18.95 4.66
N LYS B 100 9.56 19.18 5.68
CA LYS B 100 10.08 19.10 7.05
C LYS B 100 10.51 17.64 7.26
N TYR B 101 11.76 17.42 7.66
CA TYR B 101 12.23 16.04 7.72
C TYR B 101 13.34 15.92 8.75
N LYS B 102 13.61 14.67 9.12
CA LYS B 102 14.83 14.35 9.86
C LYS B 102 15.25 12.93 9.50
N PHE B 103 16.49 12.59 9.88
CA PHE B 103 17.02 11.24 9.74
C PHE B 103 16.87 10.49 11.06
N VAL B 104 16.36 9.27 11.01
CA VAL B 104 16.20 8.47 12.22
C VAL B 104 16.68 7.08 11.91
N ARG B 105 17.23 6.42 12.91
CA ARG B 105 17.58 5.00 12.77
C ARG B 105 16.52 4.19 13.48
N ILE B 106 15.90 3.23 12.78
CA ILE B 106 14.82 2.48 13.40
C ILE B 106 15.33 1.18 14.03
N GLN B 107 14.49 0.60 14.87
CA GLN B 107 14.77 -0.67 15.51
C GLN B 107 14.09 -1.81 14.76
N PRO B 108 14.62 -3.01 14.87
CA PRO B 108 13.92 -4.17 14.31
C PRO B 108 12.51 -4.29 14.86
N GLY B 109 11.58 -4.63 13.99
CA GLY B 109 10.18 -4.67 14.30
C GLY B 109 9.46 -3.41 13.87
N GLN B 110 10.20 -2.31 13.68
CA GLN B 110 9.57 -1.08 13.22
C GLN B 110 9.28 -1.17 11.73
N THR B 111 8.15 -0.60 11.31
CA THR B 111 7.78 -0.60 9.91
C THR B 111 8.04 0.78 9.29
N PHE B 112 8.00 0.82 7.97
CA PHE B 112 8.18 2.06 7.24
C PHE B 112 7.70 1.85 5.82
N SER B 113 7.47 2.97 5.14
CA SER B 113 7.09 2.93 3.73
C SER B 113 8.31 3.02 2.85
N VAL B 114 8.33 2.23 1.79
CA VAL B 114 9.42 2.27 0.83
C VAL B 114 8.89 2.91 -0.44
N LEU B 115 9.57 3.94 -0.92
CA LEU B 115 9.29 4.51 -2.23
C LEU B 115 10.33 3.94 -3.18
N ALA B 116 9.93 2.89 -3.91
CA ALA B 116 10.82 2.21 -4.84
C ALA B 116 10.96 3.08 -6.09
N CYS B 117 12.21 3.39 -6.47
CA CYS B 117 12.48 4.32 -7.56
C CYS B 117 13.46 3.70 -8.52
N TYR B 118 13.40 4.13 -9.78
CA TYR B 118 14.31 3.73 -10.85
C TYR B 118 14.62 4.96 -11.69
N ASN B 119 15.90 5.20 -11.95
CA ASN B 119 16.34 6.35 -12.75
C ASN B 119 15.84 7.67 -12.16
N GLY B 120 15.73 7.75 -10.84
CA GLY B 120 15.25 8.95 -10.20
C GLY B 120 13.76 9.14 -10.20
N SER B 121 12.99 8.21 -10.78
CA SER B 121 11.54 8.39 -10.84
C SER B 121 10.85 7.38 -9.92
N PRO B 122 9.95 7.86 -9.08
CA PRO B 122 9.24 6.96 -8.15
C PRO B 122 8.34 6.02 -8.94
N SER B 123 8.43 4.74 -8.62
CA SER B 123 7.63 3.78 -9.35
C SER B 123 6.57 3.10 -8.51
N GLY B 124 6.77 2.94 -7.21
CA GLY B 124 5.75 2.31 -6.40
C GLY B 124 6.05 2.52 -4.93
N VAL B 125 5.06 2.25 -4.10
CA VAL B 125 5.19 2.47 -2.67
C VAL B 125 4.61 1.26 -1.94
N TYR B 126 5.33 0.79 -0.92
CA TYR B 126 4.78 -0.28 -0.13
C TYR B 126 5.31 -0.23 1.29
N GLN B 127 4.63 -0.98 2.16
CA GLN B 127 5.04 -1.06 3.58
C GLN B 127 6.00 -2.21 3.78
N CYS B 128 7.02 -2.00 4.58
CA CYS B 128 8.05 -3.02 4.91
C CYS B 128 8.33 -2.95 6.41
N ALA B 129 8.90 -3.99 7.00
CA ALA B 129 9.31 -4.00 8.39
C ALA B 129 10.81 -4.24 8.43
N MET B 130 11.50 -3.60 9.34
CA MET B 130 12.86 -4.02 9.59
C MET B 130 12.78 -5.38 10.29
N ARG B 131 13.25 -6.44 9.63
CA ARG B 131 13.18 -7.77 10.27
C ARG B 131 14.11 -7.86 11.48
N PRO B 132 13.85 -8.79 12.41
CA PRO B 132 14.80 -9.02 13.49
C PRO B 132 16.19 -9.35 13.00
N ASN B 133 16.35 -9.97 11.82
CA ASN B 133 17.69 -10.26 11.32
C ASN B 133 18.25 -9.10 10.49
N PHE B 134 17.61 -7.93 10.55
CA PHE B 134 18.02 -6.69 9.93
C PHE B 134 17.96 -6.71 8.42
N THR B 135 17.18 -7.60 7.83
CA THR B 135 16.88 -7.46 6.41
C THR B 135 15.50 -6.85 6.26
N ILE B 136 15.15 -6.50 5.04
CA ILE B 136 13.77 -6.16 4.78
C ILE B 136 13.31 -7.01 3.62
N LYS B 137 12.04 -7.43 3.67
CA LYS B 137 11.49 -8.25 2.60
C LYS B 137 10.86 -7.29 1.60
N GLY B 138 11.73 -6.71 0.76
CA GLY B 138 11.31 -5.68 -0.17
C GLY B 138 10.97 -6.26 -1.54
N SER B 139 10.72 -5.35 -2.48
CA SER B 139 10.48 -5.71 -3.87
C SER B 139 11.33 -4.72 -4.67
N PHE B 140 12.47 -5.18 -5.15
CA PHE B 140 13.44 -4.26 -5.74
C PHE B 140 14.08 -4.95 -6.91
N LEU B 141 14.29 -4.21 -8.00
CA LEU B 141 15.03 -4.72 -9.14
C LEU B 141 16.30 -3.91 -9.29
N ASN B 142 17.18 -4.35 -10.20
N ASN B 142 17.18 -4.36 -10.20
CA ASN B 142 18.37 -3.58 -10.52
CA ASN B 142 18.37 -3.59 -10.53
C ASN B 142 17.99 -2.14 -10.88
C ASN B 142 17.99 -2.15 -10.89
N GLY B 143 18.74 -1.19 -10.33
CA GLY B 143 18.47 0.22 -10.54
C GLY B 143 17.74 0.88 -9.38
N SER B 144 17.33 0.10 -8.38
CA SER B 144 16.58 0.59 -7.24
C SER B 144 17.45 1.10 -6.08
N ALA B 145 18.77 0.88 -6.12
CA ALA B 145 19.61 1.37 -5.02
C ALA B 145 19.38 2.86 -4.86
N GLY B 146 19.37 3.32 -3.60
CA GLY B 146 19.05 4.72 -3.35
C GLY B 146 17.58 5.01 -3.11
N SER B 147 16.66 4.06 -3.42
CA SER B 147 15.26 4.22 -2.99
C SER B 147 15.27 4.34 -1.47
N VAL B 148 14.27 5.01 -0.90
CA VAL B 148 14.32 5.32 0.53
C VAL B 148 13.07 4.81 1.25
N GLY B 149 13.25 4.63 2.55
CA GLY B 149 12.18 4.24 3.44
C GLY B 149 11.94 5.35 4.45
N PHE B 150 10.69 5.50 4.88
CA PHE B 150 10.35 6.66 5.69
C PHE B 150 9.06 6.40 6.46
N ASN B 151 8.90 7.16 7.53
CA ASN B 151 7.62 7.28 8.20
C ASN B 151 7.29 8.78 8.24
N ILE B 152 6.03 9.08 8.48
CA ILE B 152 5.63 10.47 8.75
C ILE B 152 5.17 10.55 10.20
N ASP B 153 5.90 11.31 11.03
CA ASP B 153 5.49 11.61 12.42
C ASP B 153 4.84 12.98 12.41
N TYR B 154 3.51 13.04 12.59
CA TYR B 154 2.84 14.34 12.56
C TYR B 154 3.00 15.05 11.22
N ASP B 155 3.91 16.01 11.17
CA ASP B 155 4.19 16.77 9.96
C ASP B 155 5.58 16.48 9.41
N CYS B 156 6.34 15.62 10.08
CA CYS B 156 7.76 15.44 9.83
C CYS B 156 7.97 14.12 9.07
N VAL B 157 8.75 14.16 8.00
CA VAL B 157 9.14 12.94 7.28
C VAL B 157 10.39 12.40 7.98
N SER B 158 10.31 11.22 8.55
CA SER B 158 11.50 10.64 9.20
C SER B 158 12.05 9.62 8.24
N PHE B 159 13.17 9.93 7.62
CA PHE B 159 13.83 8.99 6.70
C PHE B 159 14.63 7.99 7.50
N CYS B 160 14.42 6.68 7.24
CA CYS B 160 15.05 5.66 8.07
C CYS B 160 15.82 4.65 7.26
N TYR B 161 15.69 4.63 5.93
CA TYR B 161 16.29 3.53 5.18
C TYR B 161 16.71 4.04 3.81
N MET B 162 17.90 3.60 3.36
CA MET B 162 18.28 3.77 1.97
C MET B 162 18.68 2.40 1.43
N HIS B 163 18.10 2.03 0.29
CA HIS B 163 18.30 0.70 -0.24
C HIS B 163 19.66 0.57 -0.90
N HIS B 164 20.36 -0.53 -0.63
CA HIS B 164 21.63 -0.79 -1.28
C HIS B 164 21.63 -2.06 -2.13
N MET B 165 21.22 -3.20 -1.57
CA MET B 165 21.49 -4.43 -2.31
C MET B 165 20.51 -5.54 -1.97
N GLU B 166 20.58 -6.61 -2.76
CA GLU B 166 19.79 -7.80 -2.56
C GLU B 166 20.67 -8.98 -2.17
N LEU B 167 20.27 -9.71 -1.15
CA LEU B 167 21.00 -10.88 -0.69
C LEU B 167 20.57 -12.12 -1.47
N PRO B 168 21.30 -13.23 -1.34
CA PRO B 168 21.02 -14.38 -2.21
C PRO B 168 19.67 -15.02 -1.97
N THR B 169 19.08 -14.89 -0.79
CA THR B 169 17.72 -15.38 -0.58
C THR B 169 16.66 -14.45 -1.14
N GLY B 170 17.06 -13.34 -1.75
CA GLY B 170 16.06 -12.46 -2.33
C GLY B 170 15.51 -11.39 -1.40
N VAL B 171 16.01 -11.28 -0.17
CA VAL B 171 15.66 -10.19 0.74
C VAL B 171 16.73 -9.10 0.60
N HIS B 172 16.54 -7.99 1.30
CA HIS B 172 17.25 -6.77 0.95
C HIS B 172 17.95 -6.16 2.16
N ALA B 173 19.00 -5.42 1.87
CA ALA B 173 19.81 -4.80 2.91
C ALA B 173 20.13 -3.37 2.54
N GLY B 174 20.20 -2.51 3.54
CA GLY B 174 20.52 -1.14 3.28
C GLY B 174 20.95 -0.44 4.55
N THR B 175 20.92 0.89 4.51
CA THR B 175 21.54 1.68 5.57
C THR B 175 20.49 2.64 6.09
N ASP B 176 20.80 3.28 7.20
CA ASP B 176 20.09 4.51 7.52
C ASP B 176 20.65 5.63 6.63
N LEU B 177 20.12 6.85 6.80
CA LEU B 177 20.54 7.96 5.95
C LEU B 177 21.85 8.56 6.38
N GLU B 178 22.44 8.08 7.47
CA GLU B 178 23.80 8.41 7.81
C GLU B 178 24.77 7.36 7.30
N GLY B 179 24.30 6.38 6.53
CA GLY B 179 25.19 5.41 5.90
C GLY B 179 25.57 4.20 6.73
N ASN B 180 24.98 4.01 7.91
CA ASN B 180 25.29 2.87 8.77
C ASN B 180 24.39 1.72 8.33
N PHE B 181 24.98 0.57 8.01
CA PHE B 181 24.12 -0.56 7.63
C PHE B 181 23.21 -0.97 8.77
N TYR B 182 21.99 -1.39 8.42
CA TYR B 182 21.22 -2.26 9.28
C TYR B 182 21.75 -3.69 9.08
N GLY B 183 22.08 -4.35 10.17
CA GLY B 183 22.55 -5.72 10.10
C GLY B 183 24.03 -5.86 9.79
N PRO B 184 24.52 -7.11 9.79
CA PRO B 184 25.96 -7.39 9.65
C PRO B 184 26.45 -7.43 8.20
N PHE B 185 26.04 -6.43 7.42
CA PHE B 185 26.26 -6.41 5.98
C PHE B 185 27.26 -5.33 5.55
N VAL B 186 27.87 -5.56 4.38
CA VAL B 186 28.83 -4.64 3.78
C VAL B 186 28.48 -4.40 2.32
N ASP B 187 28.89 -3.23 1.79
CA ASP B 187 28.56 -2.89 0.41
C ASP B 187 29.67 -3.29 -0.56
N ARG B 188 29.93 -4.59 -0.60
CA ARG B 188 30.91 -5.11 -1.57
C ARG B 188 30.43 -6.49 -2.01
N GLN B 189 30.93 -6.98 -3.15
CA GLN B 189 30.59 -8.32 -3.62
C GLN B 189 31.44 -9.29 -2.80
N THR B 190 30.83 -9.79 -1.74
CA THR B 190 31.36 -10.83 -0.87
C THR B 190 30.21 -11.76 -0.51
N ALA B 191 30.52 -12.93 0.02
CA ALA B 191 29.49 -13.87 0.41
C ALA B 191 28.80 -13.36 1.67
N GLN B 192 27.48 -13.10 1.59
CA GLN B 192 26.68 -12.58 2.68
C GLN B 192 25.32 -13.27 2.71
N ALA B 193 24.82 -13.58 3.91
CA ALA B 193 23.53 -14.24 3.99
C ALA B 193 22.63 -13.64 5.05
N ALA B 194 21.32 -13.71 4.81
CA ALA B 194 20.36 -13.37 5.84
C ALA B 194 20.44 -14.37 6.97
N GLY B 195 20.58 -13.87 8.22
CA GLY B 195 20.54 -14.70 9.39
C GLY B 195 19.16 -15.30 9.66
N THR B 196 19.13 -16.23 10.61
CA THR B 196 17.84 -16.79 10.98
C THR B 196 16.93 -15.65 11.43
N ASP B 197 15.75 -15.60 10.85
CA ASP B 197 14.78 -14.57 11.20
C ASP B 197 13.85 -15.09 12.29
N THR B 198 13.21 -14.16 12.99
CA THR B 198 12.25 -14.49 14.02
C THR B 198 10.99 -13.66 13.76
N THR B 199 9.90 -14.01 14.42
CA THR B 199 8.62 -13.31 14.25
C THR B 199 8.48 -12.16 15.24
N ILE B 200 7.94 -11.04 14.78
CA ILE B 200 7.89 -9.85 15.62
C ILE B 200 6.63 -9.95 16.48
N THR B 201 6.80 -10.44 17.71
CA THR B 201 5.67 -10.82 18.56
C THR B 201 4.72 -9.64 18.82
N VAL B 202 5.28 -8.49 19.18
CA VAL B 202 4.44 -7.36 19.54
C VAL B 202 3.59 -6.94 18.35
N ASN B 203 4.10 -7.12 17.14
CA ASN B 203 3.37 -6.74 15.90
C ASN B 203 2.22 -7.73 15.65
N VAL B 204 2.50 -9.02 15.84
CA VAL B 204 1.42 -10.00 15.74
C VAL B 204 0.28 -9.63 16.69
N LEU B 205 0.61 -9.30 17.94
CA LEU B 205 -0.46 -8.96 18.87
C LEU B 205 -1.22 -7.75 18.40
N ALA B 206 -0.49 -6.74 17.90
CA ALA B 206 -1.12 -5.56 17.35
C ALA B 206 -2.12 -5.93 16.27
N TRP B 207 -1.72 -6.86 15.40
CA TRP B 207 -2.59 -7.27 14.30
C TRP B 207 -3.78 -8.07 14.80
N LEU B 208 -3.61 -8.88 15.88
CA LEU B 208 -4.78 -9.54 16.49
C LEU B 208 -5.75 -8.51 17.06
N TYR B 209 -5.23 -7.40 17.58
CA TYR B 209 -6.13 -6.33 18.00
C TYR B 209 -6.87 -5.74 16.81
N ALA B 210 -6.17 -5.49 15.69
CA ALA B 210 -6.83 -5.01 14.50
C ALA B 210 -7.93 -5.97 14.08
N ALA B 211 -7.66 -7.26 14.21
CA ALA B 211 -8.65 -8.26 13.84
C ALA B 211 -9.87 -8.11 14.72
N VAL B 212 -9.65 -7.95 16.03
CA VAL B 212 -10.80 -7.81 16.93
C VAL B 212 -11.57 -6.54 16.62
N ILE B 213 -10.86 -5.44 16.34
CA ILE B 213 -11.53 -4.19 15.98
C ILE B 213 -12.42 -4.40 14.77
N ASN B 214 -11.98 -5.22 13.82
CA ASN B 214 -12.75 -5.58 12.65
C ASN B 214 -13.72 -6.74 12.86
N GLY B 215 -13.97 -7.15 14.09
CA GLY B 215 -15.01 -8.14 14.33
C GLY B 215 -14.58 -9.57 14.11
N ASP B 216 -13.29 -9.83 13.97
CA ASP B 216 -12.79 -11.17 13.74
C ASP B 216 -12.21 -11.61 15.08
N ARG B 217 -12.94 -12.50 15.77
CA ARG B 217 -12.73 -12.79 17.18
C ARG B 217 -12.65 -14.26 17.54
N TRP B 218 -12.62 -15.17 16.56
CA TRP B 218 -12.75 -16.60 16.87
C TRP B 218 -11.63 -17.12 17.75
N PHE B 219 -10.49 -16.45 17.76
CA PHE B 219 -9.31 -16.89 18.48
C PHE B 219 -9.27 -16.37 19.90
N LEU B 220 -10.20 -15.51 20.30
CA LEU B 220 -10.20 -15.16 21.71
C LEU B 220 -10.56 -16.39 22.54
N ASN B 221 -9.95 -16.41 23.74
CA ASN B 221 -10.18 -17.53 24.69
C ASN B 221 -10.32 -16.98 26.11
N ARG B 222 -10.66 -17.85 27.03
CA ARG B 222 -10.83 -17.47 28.42
C ARG B 222 -9.52 -17.34 29.17
N PHE B 223 -8.40 -17.70 28.57
CA PHE B 223 -7.19 -17.90 29.35
C PHE B 223 -6.38 -16.60 29.35
N THR B 224 -5.61 -16.40 30.41
CA THR B 224 -4.64 -15.32 30.42
C THR B 224 -3.28 -15.92 30.75
N THR B 225 -2.25 -15.09 30.69
CA THR B 225 -0.91 -15.61 30.94
C THR B 225 -0.06 -14.51 31.57
N THR B 226 1.15 -14.87 31.96
CA THR B 226 2.13 -13.87 32.34
C THR B 226 3.17 -13.65 31.25
N LEU B 227 3.78 -12.47 31.32
CA LEU B 227 4.88 -12.12 30.43
C LEU B 227 5.95 -13.21 30.43
N ASN B 228 6.31 -13.72 31.61
CA ASN B 228 7.36 -14.74 31.70
C ASN B 228 6.90 -16.07 31.13
N ASP B 229 5.67 -16.46 31.43
CA ASP B 229 5.13 -17.72 30.92
C ASP B 229 4.95 -17.65 29.41
N PHE B 230 4.45 -16.53 28.90
CA PHE B 230 4.30 -16.41 27.44
C PHE B 230 5.65 -16.49 26.74
N ASN B 231 6.66 -15.75 27.24
CA ASN B 231 7.99 -15.72 26.60
C ASN B 231 8.67 -17.07 26.60
N LEU B 232 8.45 -17.88 27.65
CA LEU B 232 9.05 -19.20 27.66
C LEU B 232 8.53 -20.04 26.49
N VAL B 233 7.22 -19.99 26.23
CA VAL B 233 6.66 -20.72 25.11
C VAL B 233 7.05 -20.08 23.79
N ALA B 234 7.00 -18.75 23.71
CA ALA B 234 7.20 -18.05 22.44
C ALA B 234 8.61 -18.23 21.90
N MET B 235 9.62 -18.12 22.77
CA MET B 235 11.00 -18.32 22.36
C MET B 235 11.19 -19.67 21.66
N LYS B 236 10.43 -20.68 22.06
CA LYS B 236 10.55 -21.99 21.44
C LYS B 236 10.04 -22.03 20.01
N TYR B 237 9.21 -21.06 19.61
CA TYR B 237 8.72 -20.95 18.24
C TYR B 237 9.41 -19.85 17.46
N ASN B 238 10.57 -19.39 17.93
CA ASN B 238 11.33 -18.35 17.27
C ASN B 238 10.52 -17.06 17.16
N TYR B 239 9.84 -16.71 18.23
CA TYR B 239 9.19 -15.43 18.37
C TYR B 239 10.09 -14.51 19.19
N GLU B 240 10.12 -13.23 18.85
CA GLU B 240 10.89 -12.28 19.64
C GLU B 240 10.32 -12.25 21.05
N PRO B 241 11.17 -11.97 22.05
CA PRO B 241 10.64 -11.83 23.41
C PRO B 241 9.68 -10.66 23.47
N LEU B 242 8.66 -10.80 24.30
CA LEU B 242 7.75 -9.71 24.57
C LEU B 242 8.21 -9.08 25.88
N THR B 243 8.49 -7.79 25.84
CA THR B 243 8.97 -7.06 27.01
C THR B 243 7.80 -6.31 27.62
N GLN B 244 8.02 -5.79 28.83
CA GLN B 244 6.98 -4.97 29.43
C GLN B 244 6.77 -3.70 28.63
N ASP B 245 7.81 -3.19 27.98
CA ASP B 245 7.65 -2.06 27.08
C ASP B 245 6.59 -2.35 26.01
N HIS B 246 6.67 -3.52 25.42
CA HIS B 246 5.68 -3.92 24.38
C HIS B 246 4.28 -3.93 24.98
N VAL B 247 4.14 -4.50 26.19
CA VAL B 247 2.83 -4.54 26.85
C VAL B 247 2.30 -3.13 27.00
N ASP B 248 3.14 -2.20 27.44
CA ASP B 248 2.74 -0.80 27.61
C ASP B 248 2.26 -0.20 26.29
N ILE B 249 3.03 -0.43 25.21
CA ILE B 249 2.69 0.16 23.92
C ILE B 249 1.35 -0.35 23.42
N LEU B 250 1.01 -1.59 23.71
CA LEU B 250 -0.29 -2.13 23.32
C LEU B 250 -1.42 -1.67 24.22
N GLY B 251 -1.13 -0.89 25.25
CA GLY B 251 -2.11 -0.49 26.24
C GLY B 251 -3.40 0.06 25.66
N PRO B 252 -3.29 1.02 24.74
CA PRO B 252 -4.51 1.54 24.09
C PRO B 252 -5.39 0.47 23.48
N LEU B 253 -4.82 -0.36 22.60
CA LEU B 253 -5.59 -1.43 21.95
C LEU B 253 -6.17 -2.40 22.97
N SER B 254 -5.40 -2.71 24.03
CA SER B 254 -5.90 -3.56 25.10
C SER B 254 -7.13 -2.95 25.74
N ALA B 255 -7.10 -1.64 25.93
CA ALA B 255 -8.25 -0.97 26.52
C ALA B 255 -9.39 -0.90 25.52
N GLN B 256 -9.08 -0.57 24.28
CA GLN B 256 -10.12 -0.33 23.28
C GLN B 256 -10.89 -1.60 22.93
N THR B 257 -10.32 -2.77 23.16
CA THR B 257 -10.97 -4.02 22.80
C THR B 257 -11.45 -4.83 23.99
N GLY B 258 -11.01 -4.52 25.21
CA GLY B 258 -11.35 -5.33 26.35
C GLY B 258 -10.55 -6.60 26.47
N ILE B 259 -9.59 -6.81 25.58
CA ILE B 259 -8.69 -7.94 25.68
C ILE B 259 -7.38 -7.39 26.23
N ALA B 260 -7.09 -7.68 27.49
CA ALA B 260 -5.82 -7.26 28.05
C ALA B 260 -4.71 -7.92 27.27
N VAL B 261 -3.57 -7.23 27.18
CA VAL B 261 -2.45 -7.75 26.41
C VAL B 261 -2.15 -9.19 26.81
N LEU B 262 -2.09 -9.47 28.12
CA LEU B 262 -1.80 -10.83 28.53
C LEU B 262 -2.97 -11.79 28.24
N ASP B 263 -4.19 -11.27 28.20
CA ASP B 263 -5.32 -12.05 27.70
C ASP B 263 -5.11 -12.38 26.21
N MET B 264 -4.78 -11.35 25.42
CA MET B 264 -4.48 -11.59 24.01
C MET B 264 -3.27 -12.49 23.86
N CYS B 265 -2.27 -12.33 24.73
CA CYS B 265 -1.10 -13.20 24.70
C CYS B 265 -1.51 -14.66 24.82
N ALA B 266 -2.50 -14.96 25.68
CA ALA B 266 -2.97 -16.33 25.77
C ALA B 266 -3.63 -16.78 24.47
N SER B 267 -4.29 -15.85 23.75
CA SER B 267 -4.81 -16.21 22.42
C SER B 267 -3.67 -16.53 21.47
N LEU B 268 -2.64 -15.65 21.44
CA LEU B 268 -1.49 -15.91 20.57
C LEU B 268 -0.74 -17.16 21.00
N LYS B 269 -0.60 -17.36 22.33
CA LYS B 269 0.07 -18.57 22.78
C LYS B 269 -0.59 -19.80 22.17
N GLU B 270 -1.93 -19.83 22.19
CA GLU B 270 -2.64 -20.97 21.61
C GLU B 270 -2.46 -21.03 20.10
N LEU B 271 -2.46 -19.89 19.40
CA LEU B 271 -2.31 -19.97 17.94
C LEU B 271 -0.97 -20.58 17.54
N LEU B 272 0.10 -20.29 18.28
CA LEU B 272 1.40 -20.89 17.95
C LEU B 272 1.43 -22.39 18.16
N GLN B 273 0.90 -22.85 19.28
CA GLN B 273 1.01 -24.27 19.55
C GLN B 273 0.02 -25.08 18.74
N ASN B 274 -1.14 -24.50 18.43
CA ASN B 274 -2.21 -25.25 17.79
C ASN B 274 -2.44 -24.92 16.32
N GLY B 275 -1.85 -23.83 15.81
CA GLY B 275 -2.17 -23.40 14.45
C GLY B 275 -3.55 -22.78 14.40
N MET B 276 -3.96 -22.45 13.18
CA MET B 276 -5.21 -21.74 12.96
C MET B 276 -6.39 -22.69 12.69
N ASN B 277 -6.16 -23.99 12.60
CA ASN B 277 -7.24 -24.94 12.38
C ASN B 277 -8.10 -24.54 11.19
N GLY B 278 -7.44 -24.13 10.11
CA GLY B 278 -8.10 -23.84 8.86
C GLY B 278 -8.80 -22.51 8.77
N ARG B 279 -8.81 -21.72 9.83
CA ARG B 279 -9.46 -20.42 9.73
C ARG B 279 -8.48 -19.34 9.29
N THR B 280 -9.02 -18.16 9.03
CA THR B 280 -8.21 -17.03 8.68
C THR B 280 -8.45 -15.94 9.70
N ILE B 281 -7.50 -15.01 9.75
CA ILE B 281 -7.62 -13.79 10.56
C ILE B 281 -7.39 -12.65 9.61
N LEU B 282 -8.35 -11.72 9.53
CA LEU B 282 -8.19 -10.58 8.63
C LEU B 282 -7.72 -11.02 7.24
N GLY B 283 -8.25 -12.14 6.78
CA GLY B 283 -7.98 -12.55 5.42
C GLY B 283 -6.62 -13.18 5.21
N SER B 284 -5.93 -13.52 6.28
CA SER B 284 -4.62 -14.14 6.21
C SER B 284 -4.66 -15.50 6.89
N ALA B 285 -3.94 -16.46 6.32
CA ALA B 285 -3.80 -17.76 6.94
C ALA B 285 -2.49 -17.89 7.72
N LEU B 286 -1.70 -16.82 7.81
CA LEU B 286 -0.58 -16.86 8.74
C LEU B 286 -0.65 -15.64 9.64
N LEU B 287 0.18 -15.66 10.67
CA LEU B 287 0.18 -14.63 11.69
C LEU B 287 1.00 -13.46 11.15
N GLU B 288 0.32 -12.35 10.87
CA GLU B 288 0.99 -11.19 10.24
C GLU B 288 1.82 -10.42 11.27
N ASP B 289 3.07 -10.11 10.92
CA ASP B 289 3.89 -9.41 11.91
C ASP B 289 4.53 -8.15 11.35
N GLU B 290 3.99 -7.56 10.27
CA GLU B 290 4.52 -6.28 9.79
C GLU B 290 3.53 -5.12 9.97
N PHE B 291 2.69 -5.18 11.02
CA PHE B 291 1.94 -4.01 11.51
C PHE B 291 2.36 -3.71 12.96
N THR B 292 2.82 -2.49 13.23
CA THR B 292 3.12 -2.12 14.61
C THR B 292 1.84 -1.70 15.34
N PRO B 293 1.88 -1.62 16.65
CA PRO B 293 0.72 -1.05 17.37
C PRO B 293 0.31 0.33 16.82
N PHE B 294 1.28 1.20 16.55
CA PHE B 294 0.90 2.49 15.97
C PHE B 294 0.29 2.33 14.60
N ASP B 295 0.78 1.38 13.79
CA ASP B 295 0.18 1.19 12.48
C ASP B 295 -1.30 0.86 12.60
N VAL B 296 -1.67 0.06 13.60
CA VAL B 296 -3.08 -0.31 13.77
C VAL B 296 -3.90 0.92 14.18
N VAL B 297 -3.35 1.72 15.10
CA VAL B 297 -4.04 2.92 15.55
C VAL B 297 -4.25 3.89 14.40
N ARG B 298 -3.19 4.15 13.61
CA ARG B 298 -3.30 5.14 12.53
C ARG B 298 -4.33 4.71 11.49
N GLN B 299 -4.39 3.41 11.19
CA GLN B 299 -5.31 2.97 10.16
C GLN B 299 -6.73 2.91 10.68
N CYS B 300 -6.91 2.42 11.90
CA CYS B 300 -8.24 2.22 12.42
C CYS B 300 -8.85 3.48 13.01
N SER B 301 -8.06 4.54 13.24
N SER B 301 -8.07 4.54 13.26
CA SER B 301 -8.58 5.83 13.70
CA SER B 301 -8.64 5.81 13.69
C SER B 301 -8.52 6.91 12.63
C SER B 301 -8.56 6.90 12.62
N GLY B 302 -8.01 6.61 11.45
CA GLY B 302 -7.99 7.57 10.36
C GLY B 302 -7.07 8.75 10.59
N VAL B 303 -5.89 8.50 11.14
CA VAL B 303 -4.93 9.60 11.35
C VAL B 303 -4.48 10.10 9.99
N THR B 304 -4.38 11.43 9.82
CA THR B 304 -4.01 12.02 8.54
C THR B 304 -2.71 12.81 8.67
N PHE B 305 -2.12 13.11 7.54
CA PHE B 305 -0.84 13.83 7.50
C PHE B 305 -0.99 15.06 6.61
N GLN B 306 -0.57 16.21 7.13
CA GLN B 306 -0.68 17.47 6.38
C GLN B 306 0.65 18.20 6.37
N GLY C 2 -28.13 -1.64 7.33
CA GLY C 2 -26.75 -1.49 7.78
C GLY C 2 -25.79 -0.96 6.71
N VAL C 3 -26.36 -0.27 5.72
CA VAL C 3 -25.58 0.39 4.66
C VAL C 3 -25.23 1.80 5.11
N THR C 4 -23.97 2.19 4.99
CA THR C 4 -23.57 3.48 5.57
C THR C 4 -22.87 4.34 4.54
N PHE C 5 -23.42 5.54 4.29
N PHE C 5 -23.36 5.57 4.30
CA PHE C 5 -22.61 6.54 3.62
CA PHE C 5 -22.62 6.48 3.44
C PHE C 5 -21.38 6.76 4.47
C PHE C 5 -21.53 7.17 4.26
N GLN C 6 -20.27 6.99 3.86
CA GLN C 6 -19.12 7.36 4.67
C GLN C 6 -18.70 8.81 4.52
N SER C 7 -19.69 9.71 4.43
CA SER C 7 -19.45 11.11 4.83
C SER C 7 -19.24 11.16 6.33
N ALA C 8 -18.94 12.34 6.85
CA ALA C 8 -18.84 12.55 8.28
C ALA C 8 -19.80 13.67 8.68
N VAL C 9 -20.40 13.53 9.85
CA VAL C 9 -21.36 14.53 10.36
C VAL C 9 -21.06 14.87 11.81
C1 EDO D . -19.36 20.93 -14.57
O1 EDO D . -18.35 21.36 -15.49
C2 EDO D . -19.40 21.88 -13.37
O2 EDO D . -20.22 23.01 -13.68
H11 EDO D . -20.33 20.93 -15.06
H12 EDO D . -19.15 19.92 -14.23
HO1 EDO D . -18.34 20.76 -16.24
H21 EDO D . -18.39 22.20 -13.12
H22 EDO D . -19.81 21.35 -12.50
HO2 EDO D . -20.25 23.61 -12.92
C1 EDO E . -11.78 9.60 11.36
O1 EDO E . -12.88 8.75 11.80
C2 EDO E . -12.21 11.06 11.43
O2 EDO E . -11.08 11.93 11.28
H11 EDO E . -11.50 9.34 10.35
H12 EDO E . -10.92 9.43 12.01
HO1 EDO E . -12.60 7.83 11.75
H21 EDO E . -12.93 11.26 10.63
H22 EDO E . -12.71 11.26 12.38
HO2 EDO E . -11.37 12.86 11.32
C1 EDO F . -12.59 -14.35 -2.56
O1 EDO F . -13.67 -14.65 -1.67
C2 EDO F . -11.29 -13.99 -1.81
O2 EDO F . -11.38 -12.68 -1.19
H11 EDO F . -12.87 -13.52 -3.22
H12 EDO F . -12.39 -15.22 -3.20
HO1 EDO F . -14.46 -14.88 -2.18
H21 EDO F . -10.45 -14.01 -2.50
H22 EDO F . -11.11 -14.73 -1.03
HO2 EDO F . -10.55 -12.49 -0.73
C1 EDO G . 7.77 -11.85 0.14
O1 EDO G . 6.64 -11.87 -0.76
C2 EDO G . 7.49 -10.87 1.29
O2 EDO G . 6.46 -11.37 2.16
H11 EDO G . 7.93 -12.85 0.55
H12 EDO G . 8.67 -11.55 -0.40
HO1 EDO G . 6.81 -12.48 -1.48
H21 EDO G . 7.21 -9.90 0.89
H22 EDO G . 8.41 -10.74 1.87
HO2 EDO G . 6.31 -10.73 2.87
C1 PEG H . -4.62 21.18 -2.20
O1 PEG H . -3.88 21.71 -3.31
C2 PEG H . -3.99 19.94 -1.65
O2 PEG H . -2.62 20.15 -1.37
C3 PEG H . -1.92 18.98 -0.94
C4 PEG H . -0.47 19.07 -1.31
O4 PEG H . 0.00 17.85 -1.88
H11 PEG H . -4.64 21.86 -1.50
H12 PEG H . -5.52 20.99 -2.48
HO1 PEG H . -4.26 22.37 -3.69
H21 PEG H . -4.09 19.23 -2.29
H22 PEG H . -4.45 19.69 -0.83
H31 PEG H . -2.32 18.20 -1.37
H32 PEG H . -2.01 18.90 0.02
H41 PEG H . -0.32 19.74 -1.96
H42 PEG H . 0.06 19.28 -0.51
HO4 PEG H . 0.83 17.86 -2.08
C1 EDO I . -9.03 -7.61 3.51
O1 EDO I . -7.91 -8.13 2.76
C2 EDO I . -8.82 -7.82 5.02
O2 EDO I . -10.06 -7.66 5.73
H11 EDO I . -9.94 -8.13 3.21
H12 EDO I . -9.14 -6.56 3.28
HO1 EDO I . -8.07 -7.98 1.81
H21 EDO I . -8.08 -7.10 5.39
H22 EDO I . -8.42 -8.82 5.20
HO2 EDO I . -9.91 -7.79 6.68
C1 PEG J . 10.91 -0.12 -13.59
O1 PEG J . 9.62 -0.02 -13.03
C2 PEG J . 11.63 -1.35 -13.11
O2 PEG J . 12.58 -1.78 -14.08
C3 PEG J . 13.73 -0.97 -14.21
C4 PEG J . 13.74 -0.31 -15.55
O4 PEG J . 13.51 1.09 -15.47
H11 PEG J . 11.42 0.67 -13.33
H12 PEG J . 10.83 -0.15 -14.55
HO1 PEG J . 9.19 0.67 -13.27
H21 PEG J . 12.09 -1.15 -12.28
H22 PEG J . 10.98 -2.05 -12.95
H31 PEG J . 13.74 -0.28 -13.52
H32 PEG J . 14.53 -1.51 -14.12
H41 PEG J . 14.60 -0.46 -15.98
H42 PEG J . 13.04 -0.71 -16.10
HO4 PEG J . 13.85 1.52 -16.11
N GLN K . 22.53 -2.97 -6.32
CA GLN K . 21.45 -2.76 -7.30
C GLN K . 21.47 -1.29 -7.81
O GLN K . 20.42 -0.66 -8.12
CB GLN K . 20.09 -3.15 -6.68
CG GLN K . 19.81 -4.68 -6.65
CD GLN K . 18.45 -5.03 -6.00
OE1 GLN K . 18.19 -4.60 -4.87
NE2 GLN K . 17.59 -5.82 -6.70
HA GLN K . 21.61 -3.34 -8.05
HB2 GLN K . 20.08 -2.83 -5.76
HB3 GLN K . 19.39 -2.72 -7.19
HG2 GLN K . 19.80 -5.02 -7.56
HG3 GLN K . 20.51 -5.13 -6.15
HE21 GLN K . 17.81 -6.12 -7.48
HE22 GLN K . 16.83 -6.04 -6.36
#